data_1USM
# 
_entry.id   1USM 
# 
_audit_conform.dict_name       mmcif_pdbx.dic 
_audit_conform.dict_version    5.382 
_audit_conform.dict_location   http://mmcif.pdb.org/dictionaries/ascii/mmcif_pdbx.dic 
# 
loop_
_database_2.database_id 
_database_2.database_code 
_database_2.pdbx_database_accession 
_database_2.pdbx_DOI 
PDB   1USM         pdb_00001usm 10.2210/pdb1usm/pdb 
PDBE  EBI-14054    ?            ?                   
WWPDB D_1290014054 ?            ?                   
# 
_pdbx_database_status.status_code                     REL 
_pdbx_database_status.entry_id                        1USM 
_pdbx_database_status.deposit_site                    PDBE 
_pdbx_database_status.process_site                    PDBE 
_pdbx_database_status.SG_entry                        . 
_pdbx_database_status.recvd_initial_deposition_date   2003-11-26 
_pdbx_database_status.pdb_format_compatible           Y 
_pdbx_database_status.status_code_sf                  REL 
_pdbx_database_status.status_code_mr                  ? 
_pdbx_database_status.status_code_cs                  ? 
_pdbx_database_status.methods_development_category    ? 
_pdbx_database_status.status_code_nmr_data            ? 
# 
loop_
_audit_author.name 
_audit_author.pdbx_ordinal 
'Tahirov, T.H.' 1 
'Inagaki, E.'   2 
# 
_citation.id                        primary 
_citation.title                     'Crystal Structure of Transcriptional Coactivator DCoH from Thermus Thermophilus' 
_citation.journal_abbrev            'To be Published' 
_citation.journal_volume            ? 
_citation.page_first                ? 
_citation.page_last                 ? 
_citation.year                      ? 
_citation.journal_id_ASTM           ? 
_citation.country                   ? 
_citation.journal_id_ISSN           ? 
_citation.journal_id_CSD            0353 
_citation.book_publisher            ? 
_citation.pdbx_database_id_PubMed   ? 
_citation.pdbx_database_id_DOI      ? 
# 
loop_
_citation_author.citation_id 
_citation_author.name 
_citation_author.ordinal 
_citation_author.identifier_ORCID 
primary 'Tahirov, T.H.' 1 ? 
primary 'Inagaki, E.'   2 ? 
# 
_cell.entry_id           1USM 
_cell.length_a           55.625 
_cell.length_b           55.625 
_cell.length_c           125.882 
_cell.angle_alpha        90.00 
_cell.angle_beta         90.00 
_cell.angle_gamma        90.00 
_cell.Z_PDB              16 
_cell.pdbx_unique_axis   ? 
# 
_symmetry.entry_id                         1USM 
_symmetry.space_group_name_H-M             'I 4 2 2' 
_symmetry.pdbx_full_space_group_name_H-M   ? 
_symmetry.cell_setting                     ? 
_symmetry.Int_Tables_number                97 
# 
loop_
_entity.id 
_entity.type 
_entity.src_method 
_entity.pdbx_description 
_entity.formula_weight 
_entity.pdbx_number_of_molecules 
_entity.pdbx_ec 
_entity.pdbx_mutation 
_entity.pdbx_fragment 
_entity.details 
1 polymer man 'HEPATOCYTE NUCLEAR FACTOR 1-ALPHA' 9508.693 1   ? ? ? 'DIMERIZATION DOMAIN' 
2 water   nat water                               18.015   147 ? ? ? ?                     
# 
_entity_name_com.entity_id   1 
_entity_name_com.name        DCOH 
# 
_entity_poly.entity_id                      1 
_entity_poly.type                           'polypeptide(L)' 
_entity_poly.nstd_linkage                   no 
_entity_poly.nstd_monomer                   no 
_entity_poly.pdbx_seq_one_letter_code       MDWEERENLKRLVKTFAFPNFREALDFANRVGALAERENHHPRLTVEWGRVTVEWWTHSAGGVTEKDREMARLTDALLQR 
_entity_poly.pdbx_seq_one_letter_code_can   MDWEERENLKRLVKTFAFPNFREALDFANRVGALAERENHHPRLTVEWGRVTVEWWTHSAGGVTEKDREMARLTDALLQR 
_entity_poly.pdbx_strand_id                 A 
_entity_poly.pdbx_target_identifier         ? 
# 
loop_
_entity_poly_seq.entity_id 
_entity_poly_seq.num 
_entity_poly_seq.mon_id 
_entity_poly_seq.hetero 
1 1  MET n 
1 2  ASP n 
1 3  TRP n 
1 4  GLU n 
1 5  GLU n 
1 6  ARG n 
1 7  GLU n 
1 8  ASN n 
1 9  LEU n 
1 10 LYS n 
1 11 ARG n 
1 12 LEU n 
1 13 VAL n 
1 14 LYS n 
1 15 THR n 
1 16 PHE n 
1 17 ALA n 
1 18 PHE n 
1 19 PRO n 
1 20 ASN n 
1 21 PHE n 
1 22 ARG n 
1 23 GLU n 
1 24 ALA n 
1 25 LEU n 
1 26 ASP n 
1 27 PHE n 
1 28 ALA n 
1 29 ASN n 
1 30 ARG n 
1 31 VAL n 
1 32 GLY n 
1 33 ALA n 
1 34 LEU n 
1 35 ALA n 
1 36 GLU n 
1 37 ARG n 
1 38 GLU n 
1 39 ASN n 
1 40 HIS n 
1 41 HIS n 
1 42 PRO n 
1 43 ARG n 
1 44 LEU n 
1 45 THR n 
1 46 VAL n 
1 47 GLU n 
1 48 TRP n 
1 49 GLY n 
1 50 ARG n 
1 51 VAL n 
1 52 THR n 
1 53 VAL n 
1 54 GLU n 
1 55 TRP n 
1 56 TRP n 
1 57 THR n 
1 58 HIS n 
1 59 SER n 
1 60 ALA n 
1 61 GLY n 
1 62 GLY n 
1 63 VAL n 
1 64 THR n 
1 65 GLU n 
1 66 LYS n 
1 67 ASP n 
1 68 ARG n 
1 69 GLU n 
1 70 MET n 
1 71 ALA n 
1 72 ARG n 
1 73 LEU n 
1 74 THR n 
1 75 ASP n 
1 76 ALA n 
1 77 LEU n 
1 78 LEU n 
1 79 GLN n 
1 80 ARG n 
# 
_entity_src_gen.entity_id                          1 
_entity_src_gen.pdbx_src_id                        1 
_entity_src_gen.pdbx_alt_source_flag               sample 
_entity_src_gen.pdbx_seq_type                      ? 
_entity_src_gen.pdbx_beg_seq_num                   ? 
_entity_src_gen.pdbx_end_seq_num                   ? 
_entity_src_gen.gene_src_common_name               ? 
_entity_src_gen.gene_src_genus                     ? 
_entity_src_gen.pdbx_gene_src_gene                 ? 
_entity_src_gen.gene_src_species                   ? 
_entity_src_gen.gene_src_strain                    HB8 
_entity_src_gen.gene_src_tissue                    ? 
_entity_src_gen.gene_src_tissue_fraction           ? 
_entity_src_gen.gene_src_details                   ? 
_entity_src_gen.pdbx_gene_src_fragment             ? 
_entity_src_gen.pdbx_gene_src_scientific_name      'THERMUS THERMOPHILUS' 
_entity_src_gen.pdbx_gene_src_ncbi_taxonomy_id     300852 
_entity_src_gen.pdbx_gene_src_variant              ? 
_entity_src_gen.pdbx_gene_src_cell_line            ? 
_entity_src_gen.pdbx_gene_src_atcc                 ? 
_entity_src_gen.pdbx_gene_src_organ                ? 
_entity_src_gen.pdbx_gene_src_organelle            ? 
_entity_src_gen.pdbx_gene_src_cell                 ? 
_entity_src_gen.pdbx_gene_src_cellular_location    ? 
_entity_src_gen.host_org_common_name               ? 
_entity_src_gen.pdbx_host_org_scientific_name      'ESCHERICHIA COLI' 
_entity_src_gen.pdbx_host_org_ncbi_taxonomy_id     469008 
_entity_src_gen.host_org_genus                     ? 
_entity_src_gen.pdbx_host_org_gene                 ? 
_entity_src_gen.pdbx_host_org_organ                ? 
_entity_src_gen.host_org_species                   ? 
_entity_src_gen.pdbx_host_org_tissue               ? 
_entity_src_gen.pdbx_host_org_tissue_fraction      ? 
_entity_src_gen.pdbx_host_org_strain               'BL21(DE3)' 
_entity_src_gen.pdbx_host_org_variant              ? 
_entity_src_gen.pdbx_host_org_cell_line            ? 
_entity_src_gen.pdbx_host_org_atcc                 ? 
_entity_src_gen.pdbx_host_org_culture_collection   ? 
_entity_src_gen.pdbx_host_org_cell                 ? 
_entity_src_gen.pdbx_host_org_organelle            ? 
_entity_src_gen.pdbx_host_org_cellular_location    ? 
_entity_src_gen.pdbx_host_org_vector_type          PLASMID 
_entity_src_gen.pdbx_host_org_vector               ? 
_entity_src_gen.host_org_details                   ? 
_entity_src_gen.expression_system_id               ? 
_entity_src_gen.plasmid_name                       PET11A 
_entity_src_gen.plasmid_details                    ? 
_entity_src_gen.pdbx_description                   ? 
# 
_struct_ref.id                         1 
_struct_ref.db_name                    PDB 
_struct_ref.db_code                    1USM 
_struct_ref.entity_id                  1 
_struct_ref.pdbx_seq_one_letter_code   ? 
_struct_ref.pdbx_align_begin           ? 
_struct_ref.pdbx_db_accession          1USM 
_struct_ref.pdbx_db_isoform            ? 
# 
_struct_ref_seq.align_id                      1 
_struct_ref_seq.ref_id                        1 
_struct_ref_seq.pdbx_PDB_id_code              1USM 
_struct_ref_seq.pdbx_strand_id                A 
_struct_ref_seq.seq_align_beg                 1 
_struct_ref_seq.pdbx_seq_align_beg_ins_code   ? 
_struct_ref_seq.seq_align_end                 80 
_struct_ref_seq.pdbx_seq_align_end_ins_code   ? 
_struct_ref_seq.pdbx_db_accession             1USM 
_struct_ref_seq.db_align_beg                  1 
_struct_ref_seq.pdbx_db_align_beg_ins_code    ? 
_struct_ref_seq.db_align_end                  80 
_struct_ref_seq.pdbx_db_align_end_ins_code    ? 
_struct_ref_seq.pdbx_auth_seq_align_beg       1 
_struct_ref_seq.pdbx_auth_seq_align_end       80 
# 
loop_
_chem_comp.id 
_chem_comp.type 
_chem_comp.mon_nstd_flag 
_chem_comp.name 
_chem_comp.pdbx_synonyms 
_chem_comp.formula 
_chem_comp.formula_weight 
ALA 'L-peptide linking' y ALANINE         ? 'C3 H7 N O2'     89.093  
ARG 'L-peptide linking' y ARGININE        ? 'C6 H15 N4 O2 1' 175.209 
ASN 'L-peptide linking' y ASPARAGINE      ? 'C4 H8 N2 O3'    132.118 
ASP 'L-peptide linking' y 'ASPARTIC ACID' ? 'C4 H7 N O4'     133.103 
GLN 'L-peptide linking' y GLUTAMINE       ? 'C5 H10 N2 O3'   146.144 
GLU 'L-peptide linking' y 'GLUTAMIC ACID' ? 'C5 H9 N O4'     147.129 
GLY 'peptide linking'   y GLYCINE         ? 'C2 H5 N O2'     75.067  
HIS 'L-peptide linking' y HISTIDINE       ? 'C6 H10 N3 O2 1' 156.162 
HOH non-polymer         . WATER           ? 'H2 O'           18.015  
LEU 'L-peptide linking' y LEUCINE         ? 'C6 H13 N O2'    131.173 
LYS 'L-peptide linking' y LYSINE          ? 'C6 H15 N2 O2 1' 147.195 
MET 'L-peptide linking' y METHIONINE      ? 'C5 H11 N O2 S'  149.211 
PHE 'L-peptide linking' y PHENYLALANINE   ? 'C9 H11 N O2'    165.189 
PRO 'L-peptide linking' y PROLINE         ? 'C5 H9 N O2'     115.130 
SER 'L-peptide linking' y SERINE          ? 'C3 H7 N O3'     105.093 
THR 'L-peptide linking' y THREONINE       ? 'C4 H9 N O3'     119.119 
TRP 'L-peptide linking' y TRYPTOPHAN      ? 'C11 H12 N2 O2'  204.225 
VAL 'L-peptide linking' y VALINE          ? 'C5 H11 N O2'    117.146 
# 
_exptl.entry_id          1USM 
_exptl.method            'X-RAY DIFFRACTION' 
_exptl.crystals_number   1 
# 
_exptl_crystal.id                    1 
_exptl_crystal.density_meas          ? 
_exptl_crystal.density_Matthews      2.15 
_exptl_crystal.density_percent_sol   42.40 
_exptl_crystal.description           ? 
_exptl_crystal.preparation           ? 
# 
_exptl_crystal_grow.crystal_id      1 
_exptl_crystal_grow.method          MICROBATCH 
_exptl_crystal_grow.temp            ? 
_exptl_crystal_grow.temp_details    ? 
_exptl_crystal_grow.pH              5.30 
_exptl_crystal_grow.pdbx_pH_range   ? 
_exptl_crystal_grow.pdbx_details    
;MICROBATCH METHOD UNDER OIL BY CRYSTALLIZATION ROBOT TERA. 25.6 MG/ML OF PROTEIN SOLUTION WAS MIXED WITH 3.15M SODIUM FORMATE AND 0.1M SODIUM ACETATE BUFFER, PH 4.0. FINAL PH WAS 5.3. CRYOPROTECTANT CONTENT WAS: 25% GLYCEROL, 2.0M SODIUM FORMATE, AND 0.6M SODIUM ACETATE BUFFER, PH 4.0.
;
# 
_diffrn.id                               1 
_diffrn.ambient_temp                     100.0 
_diffrn.ambient_temp_details             ? 
_diffrn.crystal_id                       1 
_diffrn.pdbx_serial_crystal_experiment   ? 
# 
_diffrn_detector.diffrn_id              1 
_diffrn_detector.detector               'IMAGE PLATE' 
_diffrn_detector.type                   'RIGAKU IMAGE PLATE RAXIS-V' 
_diffrn_detector.pdbx_collection_date   2003-02-15 
_diffrn_detector.details                ? 
# 
_diffrn_radiation.diffrn_id                        1 
_diffrn_radiation.wavelength_id                    1 
_diffrn_radiation.pdbx_monochromatic_or_laue_m_l   M 
_diffrn_radiation.monochromator                    ? 
_diffrn_radiation.pdbx_diffrn_protocol             'SINGLE WAVELENGTH' 
_diffrn_radiation.pdbx_scattering_type             x-ray 
# 
_diffrn_radiation_wavelength.id           1 
_diffrn_radiation_wavelength.wavelength   0.8 
_diffrn_radiation_wavelength.wt           1.0 
# 
_diffrn_source.diffrn_id                   1 
_diffrn_source.source                      SYNCHROTRON 
_diffrn_source.type                        'SPRING-8 BEAMLINE BL26B1' 
_diffrn_source.pdbx_synchrotron_site       SPring-8 
_diffrn_source.pdbx_synchrotron_beamline   BL26B1 
_diffrn_source.pdbx_wavelength             0.8 
_diffrn_source.pdbx_wavelength_list        ? 
# 
_reflns.pdbx_diffrn_id               1 
_reflns.pdbx_ordinal                 1 
_reflns.entry_id                     1USM 
_reflns.observed_criterion_sigma_I   -0.200 
_reflns.observed_criterion_sigma_F   ? 
_reflns.d_resolution_low             20.000 
_reflns.d_resolution_high            1.200 
_reflns.number_obs                   30991 
_reflns.number_all                   ? 
_reflns.percent_possible_obs         98.7 
_reflns.pdbx_Rmerge_I_obs            0.03400 
_reflns.pdbx_Rsym_value              ? 
_reflns.pdbx_netI_over_sigmaI        41.4000 
_reflns.B_iso_Wilson_estimate        12.1 
_reflns.pdbx_redundancy              8.700 
# 
_reflns_shell.pdbx_diffrn_id         1 
_reflns_shell.pdbx_ordinal           1 
_reflns_shell.d_res_high             1.20 
_reflns_shell.d_res_low              1.22 
_reflns_shell.percent_possible_all   99.5 
_reflns_shell.Rmerge_I_obs           0.14600 
_reflns_shell.pdbx_Rsym_value        ? 
_reflns_shell.meanI_over_sigI_obs    11.700 
_reflns_shell.pdbx_redundancy        ? 
# 
_refine.pdbx_refine_id                           'X-RAY DIFFRACTION' 
_refine.entry_id                                 1USM 
_refine.pdbx_diffrn_id                           1 
_refine.pdbx_TLS_residual_ADP_flag               ? 
_refine.ls_number_reflns_obs                     30967 
_refine.ls_number_reflns_all                     ? 
_refine.pdbx_ls_sigma_I                          ? 
_refine.pdbx_ls_sigma_F                          0.0 
_refine.pdbx_data_cutoff_high_absF               3515920.09 
_refine.pdbx_data_cutoff_low_absF                ? 
_refine.pdbx_data_cutoff_high_rms_absF           ? 
_refine.ls_d_res_low                             18.77 
_refine.ls_d_res_high                            1.20 
_refine.ls_percent_reflns_obs                    98.7 
_refine.ls_R_factor_obs                          0.215 
_refine.ls_R_factor_all                          ? 
_refine.ls_R_factor_R_work                       0.215 
_refine.ls_R_factor_R_free                       0.228 
_refine.ls_R_factor_R_free_error                 0.006 
_refine.ls_R_factor_R_free_error_details         ? 
_refine.ls_percent_reflns_R_free                 5.0 
_refine.ls_number_reflns_R_free                  1539 
_refine.ls_number_parameters                     ? 
_refine.ls_number_restraints                     ? 
_refine.occupancy_min                            ? 
_refine.occupancy_max                            ? 
_refine.correlation_coeff_Fo_to_Fc               ? 
_refine.correlation_coeff_Fo_to_Fc_free          ? 
_refine.B_iso_mean                               19.5 
_refine.aniso_B[1][1]                            -0.86 
_refine.aniso_B[2][2]                            -0.86 
_refine.aniso_B[3][3]                            1.71 
_refine.aniso_B[1][2]                            0.00 
_refine.aniso_B[1][3]                            0.00 
_refine.aniso_B[2][3]                            0.00 
_refine.solvent_model_details                    'FLAT MODEL' 
_refine.solvent_model_param_ksol                 0.393311 
_refine.solvent_model_param_bsol                 59.4998 
_refine.pdbx_solvent_vdw_probe_radii             ? 
_refine.pdbx_solvent_ion_probe_radii             ? 
_refine.pdbx_solvent_shrinkage_radii             ? 
_refine.pdbx_ls_cross_valid_method               THROUGHOUT 
_refine.details                                  'RESIDUES 7-9 ARE DISORDERED AND NOT INCLUDED IN THE MODEL' 
_refine.pdbx_starting_model                      'PDB ENTRY 1DCO' 
_refine.pdbx_method_to_determine_struct          'MOLECULAR REPLACEMENT' 
_refine.pdbx_isotropic_thermal_model             RESTRAINED 
_refine.pdbx_stereochemistry_target_values       ? 
_refine.pdbx_stereochem_target_val_spec_case     ? 
_refine.pdbx_R_Free_selection_details            RANDOM 
_refine.pdbx_overall_ESU_R                       ? 
_refine.pdbx_overall_ESU_R_Free                  ? 
_refine.overall_SU_ML                            ? 
_refine.pdbx_overall_phase_error                 ? 
_refine.overall_SU_B                             ? 
_refine.overall_SU_R_Cruickshank_DPI             ? 
_refine.pdbx_overall_SU_R_free_Cruickshank_DPI   ? 
_refine.pdbx_overall_SU_R_Blow_DPI               ? 
_refine.pdbx_overall_SU_R_free_Blow_DPI          ? 
# 
_refine_analyze.pdbx_refine_id                  'X-RAY DIFFRACTION' 
_refine_analyze.entry_id                        1USM 
_refine_analyze.Luzzati_coordinate_error_obs    0.15 
_refine_analyze.Luzzati_sigma_a_obs             0.09 
_refine_analyze.Luzzati_d_res_low_obs           5.00 
_refine_analyze.Luzzati_coordinate_error_free   0.16 
_refine_analyze.Luzzati_sigma_a_free            0.09 
_refine_analyze.Luzzati_d_res_low_free          ? 
_refine_analyze.number_disordered_residues      ? 
_refine_analyze.occupancy_sum_hydrogen          ? 
_refine_analyze.occupancy_sum_non_hydrogen      ? 
# 
_refine_hist.pdbx_refine_id                   'X-RAY DIFFRACTION' 
_refine_hist.cycle_id                         LAST 
_refine_hist.pdbx_number_atoms_protein        646 
_refine_hist.pdbx_number_atoms_nucleic_acid   0 
_refine_hist.pdbx_number_atoms_ligand         0 
_refine_hist.number_atoms_solvent             147 
_refine_hist.number_atoms_total               793 
_refine_hist.d_res_high                       1.20 
_refine_hist.d_res_low                        18.77 
# 
loop_
_refine_ls_restr.type 
_refine_ls_restr.dev_ideal 
_refine_ls_restr.dev_ideal_target 
_refine_ls_restr.weight 
_refine_ls_restr.number 
_refine_ls_restr.pdbx_refine_id 
_refine_ls_restr.pdbx_restraint_function 
c_bond_d                0.005 ?    ? ? 'X-RAY DIFFRACTION' ? 
c_bond_d_na             ?     ?    ? ? 'X-RAY DIFFRACTION' ? 
c_bond_d_prot           ?     ?    ? ? 'X-RAY DIFFRACTION' ? 
c_angle_d               ?     ?    ? ? 'X-RAY DIFFRACTION' ? 
c_angle_d_na            ?     ?    ? ? 'X-RAY DIFFRACTION' ? 
c_angle_d_prot          ?     ?    ? ? 'X-RAY DIFFRACTION' ? 
c_angle_deg             1.1   ?    ? ? 'X-RAY DIFFRACTION' ? 
c_angle_deg_na          ?     ?    ? ? 'X-RAY DIFFRACTION' ? 
c_angle_deg_prot        ?     ?    ? ? 'X-RAY DIFFRACTION' ? 
c_dihedral_angle_d      21.3  ?    ? ? 'X-RAY DIFFRACTION' ? 
c_dihedral_angle_d_na   ?     ?    ? ? 'X-RAY DIFFRACTION' ? 
c_dihedral_angle_d_prot ?     ?    ? ? 'X-RAY DIFFRACTION' ? 
c_improper_angle_d      0.68  ?    ? ? 'X-RAY DIFFRACTION' ? 
c_improper_angle_d_na   ?     ?    ? ? 'X-RAY DIFFRACTION' ? 
c_improper_angle_d_prot ?     ?    ? ? 'X-RAY DIFFRACTION' ? 
c_mcbond_it             1.81  1.50 ? ? 'X-RAY DIFFRACTION' ? 
c_mcangle_it            2.52  2.00 ? ? 'X-RAY DIFFRACTION' ? 
c_scbond_it             3.65  2.00 ? ? 'X-RAY DIFFRACTION' ? 
c_scangle_it            5.03  2.50 ? ? 'X-RAY DIFFRACTION' ? 
# 
_refine_ls_shell.pdbx_refine_id                   'X-RAY DIFFRACTION' 
_refine_ls_shell.pdbx_total_number_of_bins_used   6 
_refine_ls_shell.d_res_high                       1.20 
_refine_ls_shell.d_res_low                        1.28 
_refine_ls_shell.number_reflns_R_work             4839 
_refine_ls_shell.R_factor_R_work                  0.246 
_refine_ls_shell.percent_reflns_obs               99.2 
_refine_ls_shell.R_factor_R_free                  0.255 
_refine_ls_shell.R_factor_R_free_error            0.016 
_refine_ls_shell.percent_reflns_R_free            4.9 
_refine_ls_shell.number_reflns_R_free             251 
_refine_ls_shell.number_reflns_all                ? 
_refine_ls_shell.R_factor_all                     ? 
# 
loop_
_pdbx_xplor_file.pdbx_refine_id 
_pdbx_xplor_file.serial_no 
_pdbx_xplor_file.param_file 
_pdbx_xplor_file.topol_file 
'X-RAY DIFFRACTION' 1 PROTEIN_REP.PARAM PROTEIN.TOP 
'X-RAY DIFFRACTION' 2 WATER_REP.PARAM   WATER.TOP   
# 
_struct.entry_id                  1USM 
_struct.title                     'DCOH, A BIFUNCTIONAL PROTEIN-BINDING TRANSCRIPTIONAL COACTIVATOR, PRO9LEU MUTANT' 
_struct.pdbx_model_details        ? 
_struct.pdbx_CASP_flag            ? 
_struct.pdbx_model_type_details   ? 
# 
_struct_keywords.entry_id        1USM 
_struct_keywords.pdbx_keywords   'TRANSCRIPTIONAL STIMULATOR' 
_struct_keywords.text            
;TRANSCRIPTIONAL STIMULATOR, DIMERIZATION COFACTOR, DEHYDRATASE, 4A-CARBINOLAMINE DEHYDRATASE, TRANSREGULATOR OF HOMEODOMAIN PROTEINS, RIKEN STRUCTURAL GENOMICS/PROTEOMICS INITIATIVE, RSGI, STRUCTURAL GENOMICS
;
# 
loop_
_struct_asym.id 
_struct_asym.pdbx_blank_PDB_chainid_flag 
_struct_asym.pdbx_modified 
_struct_asym.entity_id 
_struct_asym.details 
A N N 1 ? 
B N N 2 ? 
# 
loop_
_struct_conf.conf_type_id 
_struct_conf.id 
_struct_conf.pdbx_PDB_helix_id 
_struct_conf.beg_label_comp_id 
_struct_conf.beg_label_asym_id 
_struct_conf.beg_label_seq_id 
_struct_conf.pdbx_beg_PDB_ins_code 
_struct_conf.end_label_comp_id 
_struct_conf.end_label_asym_id 
_struct_conf.end_label_seq_id 
_struct_conf.pdbx_end_PDB_ins_code 
_struct_conf.beg_auth_comp_id 
_struct_conf.beg_auth_asym_id 
_struct_conf.beg_auth_seq_id 
_struct_conf.end_auth_comp_id 
_struct_conf.end_auth_asym_id 
_struct_conf.end_auth_seq_id 
_struct_conf.pdbx_PDB_helix_class 
_struct_conf.details 
_struct_conf.pdbx_PDB_helix_length 
HELX_P HELX_P1 1 ASN A 20 ? ASN A 39 ? ASN A 20 ASN A 39 1 ? 20 
HELX_P HELX_P2 2 THR A 64 ? LEU A 77 ? THR A 64 LEU A 77 1 ? 14 
# 
_struct_conf_type.id          HELX_P 
_struct_conf_type.criteria    ? 
_struct_conf_type.reference   ? 
# 
_struct_sheet.id               AA 
_struct_sheet.type             ? 
_struct_sheet.number_strands   4 
_struct_sheet.details          ? 
# 
loop_
_struct_sheet_order.sheet_id 
_struct_sheet_order.range_id_1 
_struct_sheet_order.range_id_2 
_struct_sheet_order.offset 
_struct_sheet_order.sense 
AA 1 2 ? anti-parallel 
AA 2 3 ? anti-parallel 
AA 3 4 ? anti-parallel 
# 
loop_
_struct_sheet_range.sheet_id 
_struct_sheet_range.id 
_struct_sheet_range.beg_label_comp_id 
_struct_sheet_range.beg_label_asym_id 
_struct_sheet_range.beg_label_seq_id 
_struct_sheet_range.pdbx_beg_PDB_ins_code 
_struct_sheet_range.end_label_comp_id 
_struct_sheet_range.end_label_asym_id 
_struct_sheet_range.end_label_seq_id 
_struct_sheet_range.pdbx_end_PDB_ins_code 
_struct_sheet_range.beg_auth_comp_id 
_struct_sheet_range.beg_auth_asym_id 
_struct_sheet_range.beg_auth_seq_id 
_struct_sheet_range.end_auth_comp_id 
_struct_sheet_range.end_auth_asym_id 
_struct_sheet_range.end_auth_seq_id 
AA 1 GLU A 4  ? GLU A 5  ? GLU A 4  GLU A 5  
AA 2 LEU A 12 ? ALA A 17 ? LEU A 12 ALA A 17 
AA 3 ARG A 50 ? TRP A 55 ? ARG A 50 TRP A 55 
AA 4 ARG A 43 ? GLU A 47 ? ARG A 43 GLU A 47 
# 
loop_
_pdbx_struct_sheet_hbond.sheet_id 
_pdbx_struct_sheet_hbond.range_id_1 
_pdbx_struct_sheet_hbond.range_id_2 
_pdbx_struct_sheet_hbond.range_1_label_atom_id 
_pdbx_struct_sheet_hbond.range_1_label_comp_id 
_pdbx_struct_sheet_hbond.range_1_label_asym_id 
_pdbx_struct_sheet_hbond.range_1_label_seq_id 
_pdbx_struct_sheet_hbond.range_1_PDB_ins_code 
_pdbx_struct_sheet_hbond.range_1_auth_atom_id 
_pdbx_struct_sheet_hbond.range_1_auth_comp_id 
_pdbx_struct_sheet_hbond.range_1_auth_asym_id 
_pdbx_struct_sheet_hbond.range_1_auth_seq_id 
_pdbx_struct_sheet_hbond.range_2_label_atom_id 
_pdbx_struct_sheet_hbond.range_2_label_comp_id 
_pdbx_struct_sheet_hbond.range_2_label_asym_id 
_pdbx_struct_sheet_hbond.range_2_label_seq_id 
_pdbx_struct_sheet_hbond.range_2_PDB_ins_code 
_pdbx_struct_sheet_hbond.range_2_auth_atom_id 
_pdbx_struct_sheet_hbond.range_2_auth_comp_id 
_pdbx_struct_sheet_hbond.range_2_auth_asym_id 
_pdbx_struct_sheet_hbond.range_2_auth_seq_id 
AA 1 2 N GLU A 4  ? N GLU A 4  O VAL A 13 ? O VAL A 13 
AA 2 3 N PHE A 16 ? N PHE A 16 O VAL A 51 ? O VAL A 51 
AA 3 4 N GLU A 54 ? N GLU A 54 O ARG A 43 ? O ARG A 43 
# 
_atom_sites.entry_id                    1USM 
_atom_sites.fract_transf_matrix[1][1]   0.01377248 
_atom_sites.fract_transf_matrix[1][2]   0.00599713 
_atom_sites.fract_transf_matrix[1][3]   -0.00987551 
_atom_sites.fract_transf_matrix[2][1]   -0.00068102 
_atom_sites.fract_transf_matrix[2][2]   -0.01491754 
_atom_sites.fract_transf_matrix[2][3]   -0.01000878 
_atom_sites.fract_transf_matrix[3][1]   -0.00509674 
_atom_sites.fract_transf_matrix[3][2]   0.00355375 
_atom_sites.fract_transf_matrix[3][3]   -0.00494987 
_atom_sites.fract_transf_vector[1]      -0.076604 
_atom_sites.fract_transf_vector[2]      0.666799 
_atom_sites.fract_transf_vector[3]      -0.646675 
# 
loop_
_atom_type.symbol 
C 
N 
O 
S 
# 
loop_
_atom_site.group_PDB 
_atom_site.id 
_atom_site.type_symbol 
_atom_site.label_atom_id 
_atom_site.label_alt_id 
_atom_site.label_comp_id 
_atom_site.label_asym_id 
_atom_site.label_entity_id 
_atom_site.label_seq_id 
_atom_site.pdbx_PDB_ins_code 
_atom_site.Cartn_x 
_atom_site.Cartn_y 
_atom_site.Cartn_z 
_atom_site.occupancy 
_atom_site.B_iso_or_equiv 
_atom_site.pdbx_formal_charge 
_atom_site.auth_seq_id 
_atom_site.auth_comp_id 
_atom_site.auth_asym_id 
_atom_site.auth_atom_id 
_atom_site.pdbx_PDB_model_num 
ATOM   1   N N   . MET A 1 1  ? -12.372 -1.976  4.617   1.00 39.51 ? 1    MET A N   1 
ATOM   2   C CA  . MET A 1 1  ? -12.536 -1.741  3.153   1.00 36.48 ? 1    MET A CA  1 
ATOM   3   C C   . MET A 1 1  ? -11.503 -2.533  2.363   1.00 33.34 ? 1    MET A C   1 
ATOM   4   O O   . MET A 1 1  ? -10.383 -2.743  2.827   1.00 35.47 ? 1    MET A O   1 
ATOM   5   C CB  . MET A 1 1  ? -12.383 -0.250  2.842   1.00 39.66 ? 1    MET A CB  1 
ATOM   6   C CG  . MET A 1 1  ? -11.040 0.336   3.254   1.00 40.66 ? 1    MET A CG  1 
ATOM   7   S SD  . MET A 1 1  ? -10.919 2.105   2.921   1.00 48.38 ? 1    MET A SD  1 
ATOM   8   C CE  . MET A 1 1  ? -9.996  2.109   1.389   1.00 20.29 ? 1    MET A CE  1 
ATOM   9   N N   . ASP A 1 2  ? -11.884 -2.975  1.169   1.00 26.19 ? 2    ASP A N   1 
ATOM   10  C CA  . ASP A 1 2  ? -10.977 -3.736  0.323   1.00 22.50 ? 2    ASP A CA  1 
ATOM   11  C C   . ASP A 1 2  ? -10.390 -2.825  -0.748  1.00 15.66 ? 2    ASP A C   1 
ATOM   12  O O   . ASP A 1 2  ? -10.851 -1.699  -0.941  1.00 18.65 ? 2    ASP A O   1 
ATOM   13  C CB  . ASP A 1 2  ? -11.711 -4.916  -0.324  1.00 27.08 ? 2    ASP A CB  1 
ATOM   14  C CG  . ASP A 1 2  ? -10.793 -5.791  -1.164  1.00 31.07 ? 2    ASP A CG  1 
ATOM   15  O OD1 . ASP A 1 2  ? -9.649  -6.052  -0.733  1.00 23.75 ? 2    ASP A OD1 1 
ATOM   16  O OD2 . ASP A 1 2  ? -11.216 -6.230  -2.252  1.00 35.26 ? 2    ASP A OD2 1 
ATOM   17  N N   . TRP A 1 3  ? -9.365  -3.315  -1.433  1.00 12.47 ? 3    TRP A N   1 
ATOM   18  C CA  . TRP A 1 3  ? -8.714  -2.546  -2.482  1.00 11.42 ? 3    TRP A CA  1 
ATOM   19  C C   . TRP A 1 3  ? -9.671  -2.176  -3.601  1.00 10.99 ? 3    TRP A C   1 
ATOM   20  O O   . TRP A 1 3  ? -10.559 -2.951  -3.963  1.00 12.40 ? 3    TRP A O   1 
ATOM   21  C CB  . TRP A 1 3  ? -7.550  -3.339  -3.072  1.00 12.06 ? 3    TRP A CB  1 
ATOM   22  C CG  . TRP A 1 3  ? -6.487  -3.624  -2.082  1.00 9.23  ? 3    TRP A CG  1 
ATOM   23  C CD1 . TRP A 1 3  ? -6.423  -4.682  -1.222  1.00 10.98 ? 3    TRP A CD1 1 
ATOM   24  C CD2 . TRP A 1 3  ? -5.347  -2.807  -1.802  1.00 8.57  ? 3    TRP A CD2 1 
ATOM   25  N NE1 . TRP A 1 3  ? -5.314  -4.574  -0.421  1.00 9.57  ? 3    TRP A NE1 1 
ATOM   26  C CE2 . TRP A 1 3  ? -4.636  -3.431  -0.754  1.00 9.43  ? 3    TRP A CE2 1 
ATOM   27  C CE3 . TRP A 1 3  ? -4.857  -1.606  -2.331  1.00 9.46  ? 3    TRP A CE3 1 
ATOM   28  C CZ2 . TRP A 1 3  ? -3.458  -2.897  -0.224  1.00 10.31 ? 3    TRP A CZ2 1 
ATOM   29  C CZ3 . TRP A 1 3  ? -3.682  -1.073  -1.802  1.00 10.40 ? 3    TRP A CZ3 1 
ATOM   30  C CH2 . TRP A 1 3  ? -2.999  -1.721  -0.759  1.00 10.41 ? 3    TRP A CH2 1 
ATOM   31  N N   . GLU A 1 4  ? -9.483  -0.988  -4.153  1.00 10.69 ? 4    GLU A N   1 
ATOM   32  C CA  . GLU A 1 4  ? -10.319 -0.532  -5.246  1.00 12.59 ? 4    GLU A CA  1 
ATOM   33  C C   . GLU A 1 4  ? -9.451  0.086   -6.324  1.00 11.59 ? 4    GLU A C   1 
ATOM   34  O O   . GLU A 1 4  ? -8.417  0.692   -6.034  1.00 12.18 ? 4    GLU A O   1 
ATOM   35  C CB  . GLU A 1 4  ? -11.336 0.498   -4.749  1.00 16.36 ? 4    GLU A CB  1 
ATOM   36  C CG  . GLU A 1 4  ? -12.338 -0.059  -3.747  1.00 21.51 ? 4    GLU A CG  1 
ATOM   37  C CD  . GLU A 1 4  ? -13.223 -1.146  -4.334  1.00 28.76 ? 4    GLU A CD  1 
ATOM   38  O OE1 . GLU A 1 4  ? -13.996 -1.761  -3.570  1.00 27.19 ? 4    GLU A OE1 1 
ATOM   39  O OE2 . GLU A 1 4  ? -13.150 -1.386  -5.559  1.00 32.33 ? 4    GLU A OE2 1 
ATOM   40  N N   . GLU A 1 5  ? -9.862  -0.092  -7.572  1.00 12.36 ? 5    GLU A N   1 
ATOM   41  C CA  . GLU A 1 5  ? -9.145  0.487   -8.699  1.00 17.26 ? 5    GLU A CA  1 
ATOM   42  C C   . GLU A 1 5  ? -9.696  1.891   -8.940  1.00 16.00 ? 5    GLU A C   1 
ATOM   43  O O   . GLU A 1 5  ? -10.814 2.046   -9.433  1.00 26.14 ? 5    GLU A O   1 
ATOM   44  C CB  . GLU A 1 5  ? -9.347  -0.360  -9.955  1.00 20.10 ? 5    GLU A CB  1 
ATOM   45  C CG  . GLU A 1 5  ? -8.651  -1.705  -9.924  1.00 20.30 ? 5    GLU A CG  1 
ATOM   46  C CD  . GLU A 1 5  ? -8.832  -2.477  -11.217 1.00 25.96 ? 5    GLU A CD  1 
ATOM   47  O OE1 . GLU A 1 5  ? -8.179  -3.529  -11.379 1.00 23.65 ? 5    GLU A OE1 1 
ATOM   48  O OE2 . GLU A 1 5  ? -9.631  -2.032  -12.070 1.00 30.89 ? 5    GLU A OE2 1 
ATOM   49  N N   . ARG A 1 6  ? -8.919  2.908   -8.578  1.00 17.58 ? 6    ARG A N   1 
ATOM   50  C CA  . ARG A 1 6  ? -9.332  4.300   -8.756  1.00 19.11 ? 6    ARG A CA  1 
ATOM   51  C C   . ARG A 1 6  ? -8.711  4.902   -10.013 1.00 22.62 ? 6    ARG A C   1 
ATOM   52  O O   . ARG A 1 6  ? -7.537  4.676   -10.310 1.00 18.95 ? 6    ARG A O   1 
ATOM   53  C CB  . ARG A 1 6  ? -8.933  5.144   -7.538  1.00 19.32 ? 6    ARG A CB  1 
ATOM   54  C CG  . ARG A 1 6  ? -9.720  4.837   -6.268  1.00 30.13 ? 6    ARG A CG  1 
ATOM   55  C CD  . ARG A 1 6  ? -9.334  5.776   -5.122  1.00 34.69 ? 6    ARG A CD  1 
ATOM   56  N NE  . ARG A 1 6  ? -9.909  5.346   -3.847  1.00 38.32 ? 6    ARG A NE  1 
ATOM   57  C CZ  . ARG A 1 6  ? -9.600  5.873   -2.666  1.00 38.21 ? 6    ARG A CZ  1 
ATOM   58  N NH1 . ARG A 1 6  ? -8.716  6.858   -2.584  1.00 37.93 ? 6    ARG A NH1 1 
ATOM   59  N NH2 . ARG A 1 6  ? -10.171 5.410   -1.561  1.00 37.96 ? 6    ARG A NH2 1 
ATOM   60  N N   . LYS A 1 10 ? -5.080  5.340   -13.124 1.00 23.61 ? 10   LYS A N   1 
ATOM   61  C CA  . LYS A 1 10 ? -5.532  3.984   -12.832 1.00 19.49 ? 10   LYS A CA  1 
ATOM   62  C C   . LYS A 1 10 ? -4.599  3.346   -11.802 1.00 12.64 ? 10   LYS A C   1 
ATOM   63  O O   . LYS A 1 10 ? -3.488  2.934   -12.132 1.00 12.85 ? 10   LYS A O   1 
ATOM   64  C CB  . LYS A 1 10 ? -5.537  3.160   -14.119 1.00 27.71 ? 10   LYS A CB  1 
ATOM   65  C CG  . LYS A 1 10 ? -6.243  1.824   -14.003 1.00 35.53 ? 10   LYS A CG  1 
ATOM   66  C CD  . LYS A 1 10 ? -7.715  2.007   -13.677 1.00 43.10 ? 10   LYS A CD  1 
ATOM   67  C CE  . LYS A 1 10 ? -8.446  0.680   -13.718 1.00 44.49 ? 10   LYS A CE  1 
ATOM   68  N NZ  . LYS A 1 10 ? -7.795  -0.321  -12.832 1.00 48.88 ? 10   LYS A NZ  1 
ATOM   69  N N   . ARG A 1 11 ? -5.059  3.261   -10.557 1.00 10.27 ? 11   ARG A N   1 
ATOM   70  C CA  . ARG A 1 11 ? -4.246  2.708   -9.479  1.00 10.62 ? 11   ARG A CA  1 
ATOM   71  C C   . ARG A 1 11 ? -5.078  1.881   -8.515  1.00 10.19 ? 11   ARG A C   1 
ATOM   72  O O   . ARG A 1 11 ? -6.290  2.062   -8.411  1.00 9.91  ? 11   ARG A O   1 
ATOM   73  C CB  . ARG A 1 11 ? -3.585  3.853   -8.723  1.00 14.21 ? 11   ARG A CB  1 
ATOM   74  C CG  . ARG A 1 11 ? -4.601  4.857   -8.210  1.00 23.24 ? 11   ARG A CG  1 
ATOM   75  C CD  . ARG A 1 11 ? -3.955  6.161   -7.811  1.00 31.44 ? 11   ARG A CD  1 
ATOM   76  N NE  . ARG A 1 11 ? -4.902  7.065   -7.162  1.00 27.17 ? 11   ARG A NE  1 
ATOM   77  C CZ  . ARG A 1 11 ? -5.962  7.600   -7.757  1.00 37.04 ? 11   ARG A CZ  1 
ATOM   78  N NH1 . ARG A 1 11 ? -6.227  7.326   -9.027  1.00 33.69 ? 11   ARG A NH1 1 
ATOM   79  N NH2 . ARG A 1 11 ? -6.761  8.414   -7.079  1.00 39.44 ? 11   ARG A NH2 1 
ATOM   80  N N   . LEU A 1 12 ? -4.404  0.977   -7.812  1.00 8.68  ? 12   LEU A N   1 
ATOM   81  C CA  . LEU A 1 12 ? -5.027  0.099   -6.827  1.00 8.99  ? 12   LEU A CA  1 
ATOM   82  C C   . LEU A 1 12 ? -4.787  0.789   -5.490  1.00 10.37 ? 12   LEU A C   1 
ATOM   83  O O   . LEU A 1 12 ? -3.640  0.910   -5.048  1.00 12.43 ? 12   LEU A O   1 
ATOM   84  C CB  . LEU A 1 12 ? -4.340  -1.260  -6.880  1.00 12.34 ? 12   LEU A CB  1 
ATOM   85  C CG  . LEU A 1 12 ? -4.954  -2.449  -6.154  1.00 12.53 ? 12   LEU A CG  1 
ATOM   86  C CD1 . LEU A 1 12 ? -6.413  -2.630  -6.545  1.00 13.59 ? 12   LEU A CD1 1 
ATOM   87  C CD2 . LEU A 1 12 ? -4.142  -3.681  -6.510  1.00 13.32 ? 12   LEU A CD2 1 
ATOM   88  N N   . VAL A 1 13 ? -5.866  1.205   -4.836  1.00 8.86  ? 13   VAL A N   1 
ATOM   89  C CA  . VAL A 1 13 ? -5.775  1.988   -3.615  1.00 10.60 ? 13   VAL A CA  1 
ATOM   90  C C   . VAL A 1 13 ? -6.565  1.455   -2.430  1.00 8.62  ? 13   VAL A C   1 
ATOM   91  O O   . VAL A 1 13 ? -7.655  0.899   -2.587  1.00 9.56  ? 13   VAL A O   1 
ATOM   92  C CB  A VAL A 1 13 ? -6.268  3.431   -3.889  0.50 9.31  ? 13   VAL A CB  1 
ATOM   93  C CB  B VAL A 1 13 ? -6.248  3.412   -3.892  0.50 9.43  ? 13   VAL A CB  1 
ATOM   94  C CG1 A VAL A 1 13 ? -5.980  4.330   -2.697  0.50 11.03 ? 13   VAL A CG1 1 
ATOM   95  C CG1 B VAL A 1 13 ? -7.664  3.357   -4.385  0.50 17.39 ? 13   VAL A CG1 1 
ATOM   96  C CG2 A VAL A 1 13 ? -5.618  3.973   -5.150  0.50 6.90  ? 13   VAL A CG2 1 
ATOM   97  C CG2 B VAL A 1 13 ? -6.152  4.271   -2.638  0.50 11.93 ? 13   VAL A CG2 1 
ATOM   98  N N   . LYS A 1 14 ? -6.011  1.660   -1.239  1.00 8.72  ? 14   LYS A N   1 
ATOM   99  C CA  . LYS A 1 14 ? -6.662  1.271   0.001   1.00 9.55  ? 14   LYS A CA  1 
ATOM   100 C C   . LYS A 1 14 ? -6.112  2.121   1.134   1.00 8.42  ? 14   LYS A C   1 
ATOM   101 O O   . LYS A 1 14 ? -4.919  2.437   1.169   1.00 9.06  ? 14   LYS A O   1 
ATOM   102 C CB  . LYS A 1 14 ? -6.431  -0.210  0.319   1.00 8.78  ? 14   LYS A CB  1 
ATOM   103 C CG  . LYS A 1 14 ? -7.081  -0.654  1.630   1.00 10.33 ? 14   LYS A CG  1 
ATOM   104 C CD  . LYS A 1 14 ? -6.959  -2.151  1.849   1.00 10.80 ? 14   LYS A CD  1 
ATOM   105 C CE  . LYS A 1 14 ? -7.457  -2.546  3.231   1.00 13.11 ? 14   LYS A CE  1 
ATOM   106 N NZ  . LYS A 1 14 ? -7.423  -4.020  3.423   1.00 14.23 ? 14   LYS A NZ  1 
ATOM   107 N N   . THR A 1 15 ? -6.989  2.511   2.050   1.00 9.22  ? 15   THR A N   1 
ATOM   108 C CA  . THR A 1 15 ? -6.575  3.291   3.203   1.00 10.04 ? 15   THR A CA  1 
ATOM   109 C C   . THR A 1 15 ? -6.636  2.390   4.426   1.00 9.52  ? 15   THR A C   1 
ATOM   110 O O   . THR A 1 15 ? -7.516  1.528   4.541   1.00 14.01 ? 15   THR A O   1 
ATOM   111 C CB  . THR A 1 15 ? -7.481  4.512   3.427   1.00 12.91 ? 15   THR A CB  1 
ATOM   112 O OG1 . THR A 1 15 ? -8.835  4.080   3.616   1.00 19.02 ? 15   THR A OG1 1 
ATOM   113 C CG2 . THR A 1 15 ? -7.404  5.452   2.236   1.00 12.72 ? 15   THR A CG2 1 
ATOM   114 N N   . PHE A 1 16 ? -5.677  2.578   5.321   1.00 10.03 ? 16   PHE A N   1 
ATOM   115 C CA  . PHE A 1 16 ? -5.582  1.809   6.551   1.00 10.93 ? 16   PHE A CA  1 
ATOM   116 C C   . PHE A 1 16 ? -5.667  2.786   7.712   1.00 10.09 ? 16   PHE A C   1 
ATOM   117 O O   . PHE A 1 16 ? -4.958  3.794   7.734   1.00 11.16 ? 16   PHE A O   1 
ATOM   118 C CB  . PHE A 1 16 ? -4.256  1.050   6.589   1.00 10.38 ? 16   PHE A CB  1 
ATOM   119 C CG  . PHE A 1 16 ? -4.102  0.045   5.482   1.00 9.31  ? 16   PHE A CG  1 
ATOM   120 C CD1 . PHE A 1 16 ? -3.768  0.449   4.188   1.00 9.69  ? 16   PHE A CD1 1 
ATOM   121 C CD2 . PHE A 1 16 ? -4.303  -1.309  5.730   1.00 10.21 ? 16   PHE A CD2 1 
ATOM   122 C CE1 . PHE A 1 16 ? -3.639  -0.487  3.159   1.00 11.16 ? 16   PHE A CE1 1 
ATOM   123 C CE2 . PHE A 1 16 ? -4.175  -2.250  4.707   1.00 11.35 ? 16   PHE A CE2 1 
ATOM   124 C CZ  . PHE A 1 16 ? -3.843  -1.837  3.421   1.00 11.37 ? 16   PHE A CZ  1 
ATOM   125 N N   . ALA A 1 17 ? -6.541  2.490   8.669   1.00 11.89 ? 17   ALA A N   1 
ATOM   126 C CA  . ALA A 1 17 ? -6.746  3.354   9.825   1.00 12.47 ? 17   ALA A CA  1 
ATOM   127 C C   . ALA A 1 17 ? -5.891  2.970   11.025  1.00 12.07 ? 17   ALA A C   1 
ATOM   128 O O   . ALA A 1 17 ? -5.633  1.794   11.272  1.00 14.38 ? 17   ALA A O   1 
ATOM   129 C CB  . ALA A 1 17 ? -8.220  3.346   10.218  1.00 16.39 ? 17   ALA A CB  1 
ATOM   130 N N   . PHE A 1 18 ? -5.459  3.986   11.768  1.00 13.47 ? 18   PHE A N   1 
ATOM   131 C CA  . PHE A 1 18 ? -4.643  3.803   12.961  1.00 13.21 ? 18   PHE A CA  1 
ATOM   132 C C   . PHE A 1 18 ? -5.095  4.802   14.021  1.00 14.19 ? 18   PHE A C   1 
ATOM   133 O O   . PHE A 1 18 ? -5.773  5.775   13.711  1.00 12.94 ? 18   PHE A O   1 
ATOM   134 C CB  . PHE A 1 18 ? -3.162  4.011   12.636  1.00 14.89 ? 18   PHE A CB  1 
ATOM   135 C CG  . PHE A 1 18 ? -2.644  3.066   11.596  1.00 14.26 ? 18   PHE A CG  1 
ATOM   136 C CD1 . PHE A 1 18 ? -2.745  3.375   10.242  1.00 13.55 ? 18   PHE A CD1 1 
ATOM   137 C CD2 . PHE A 1 18 ? -2.115  1.835   11.965  1.00 15.89 ? 18   PHE A CD2 1 
ATOM   138 C CE1 . PHE A 1 18 ? -2.332  2.466   9.271   1.00 15.00 ? 18   PHE A CE1 1 
ATOM   139 C CE2 . PHE A 1 18 ? -1.700  0.920   11.001  1.00 18.82 ? 18   PHE A CE2 1 
ATOM   140 C CZ  . PHE A 1 18 ? -1.811  1.239   9.651   1.00 15.48 ? 18   PHE A CZ  1 
ATOM   141 N N   . PRO A 1 19 ? -4.731  4.566   15.292  1.00 15.59 ? 19   PRO A N   1 
ATOM   142 C CA  . PRO A 1 19 ? -5.123  5.469   16.380  1.00 17.01 ? 19   PRO A CA  1 
ATOM   143 C C   . PRO A 1 19 ? -4.325  6.769   16.457  1.00 17.90 ? 19   PRO A C   1 
ATOM   144 O O   . PRO A 1 19 ? -4.737  7.715   17.129  1.00 19.86 ? 19   PRO A O   1 
ATOM   145 C CB  . PRO A 1 19 ? -4.931  4.603   17.619  1.00 18.94 ? 19   PRO A CB  1 
ATOM   146 C CG  . PRO A 1 19 ? -3.735  3.791   17.252  1.00 18.74 ? 19   PRO A CG  1 
ATOM   147 C CD  . PRO A 1 19 ? -4.041  3.377   15.824  1.00 18.87 ? 19   PRO A CD  1 
ATOM   148 N N   . ASN A 1 20 ? -3.189  6.819   15.769  1.00 15.93 ? 20   ASN A N   1 
ATOM   149 C CA  . ASN A 1 20 ? -2.345  8.007   15.787  1.00 14.05 ? 20   ASN A CA  1 
ATOM   150 C C   . ASN A 1 20 ? -1.464  8.092   14.544  1.00 13.81 ? 20   ASN A C   1 
ATOM   151 O O   . ASN A 1 20 ? -1.710  7.411   13.549  1.00 15.02 ? 20   ASN A O   1 
ATOM   152 C CB  . ASN A 1 20 ? -1.463  7.993   17.039  1.00 17.19 ? 20   ASN A CB  1 
ATOM   153 C CG  . ASN A 1 20 ? -0.707  6.691   17.199  1.00 16.84 ? 20   ASN A CG  1 
ATOM   154 O OD1 . ASN A 1 20 ? -0.202  6.131   16.226  1.00 19.01 ? 20   ASN A OD1 1 
ATOM   155 N ND2 . ASN A 1 20 ? -0.616  6.203   18.431  1.00 23.90 ? 20   ASN A ND2 1 
ATOM   156 N N   . PHE A 1 21 ? -0.439  8.936   14.608  1.00 14.14 ? 21   PHE A N   1 
ATOM   157 C CA  . PHE A 1 21 ? 0.488   9.114   13.495  1.00 13.04 ? 21   PHE A CA  1 
ATOM   158 C C   . PHE A 1 21 ? 1.595   8.066   13.556  1.00 13.89 ? 21   PHE A C   1 
ATOM   159 O O   . PHE A 1 21 ? 1.970   7.482   12.541  1.00 13.24 ? 21   PHE A O   1 
ATOM   160 C CB  . PHE A 1 21 ? 1.119   10.508  13.553  1.00 13.37 ? 21   PHE A CB  1 
ATOM   161 C CG  . PHE A 1 21 ? 1.935   10.864  12.338  1.00 12.45 ? 21   PHE A CG  1 
ATOM   162 C CD1 . PHE A 1 21 ? 1.341   11.491  11.247  1.00 13.68 ? 21   PHE A CD1 1 
ATOM   163 C CD2 . PHE A 1 21 ? 3.296   10.577  12.282  1.00 18.74 ? 21   PHE A CD2 1 
ATOM   164 C CE1 . PHE A 1 21 ? 2.088   11.826  10.118  1.00 17.94 ? 21   PHE A CE1 1 
ATOM   165 C CE2 . PHE A 1 21 ? 4.051   10.908  11.156  1.00 18.01 ? 21   PHE A CE2 1 
ATOM   166 C CZ  . PHE A 1 21 ? 3.444   11.534  10.074  1.00 19.22 ? 21   PHE A CZ  1 
ATOM   167 N N   . ARG A 1 22 ? 2.114   7.839   14.760  1.00 13.49 ? 22   ARG A N   1 
ATOM   168 C CA  . ARG A 1 22 ? 3.192   6.885   14.990  1.00 14.88 ? 22   ARG A CA  1 
ATOM   169 C C   . ARG A 1 22 ? 2.928   5.503   14.391  1.00 12.20 ? 22   ARG A C   1 
ATOM   170 O O   . ARG A 1 22 ? 3.772   4.956   13.678  1.00 13.02 ? 22   ARG A O   1 
ATOM   171 C CB  . ARG A 1 22 ? 3.441   6.763   16.498  1.00 18.52 ? 22   ARG A CB  1 
ATOM   172 C CG  . ARG A 1 22 ? 4.574   5.832   16.905  1.00 27.62 ? 22   ARG A CG  1 
ATOM   173 C CD  . ARG A 1 22 ? 5.924   6.310   16.393  1.00 30.29 ? 22   ARG A CD  1 
ATOM   174 N NE  . ARG A 1 22 ? 6.173   5.889   15.019  1.00 34.69 ? 22   ARG A NE  1 
ATOM   175 C CZ  . ARG A 1 22 ? 7.283   6.166   14.343  1.00 39.37 ? 22   ARG A CZ  1 
ATOM   176 N NH1 . ARG A 1 22 ? 7.424   5.737   13.097  1.00 40.04 ? 22   ARG A NH1 1 
ATOM   177 N NH2 . ARG A 1 22 ? 8.249   6.876   14.911  1.00 42.80 ? 22   ARG A NH2 1 
ATOM   178 N N   . GLU A 1 23 ? 1.762   4.942   14.688  1.00 12.38 ? 23   GLU A N   1 
ATOM   179 C CA  . GLU A 1 23 ? 1.416   3.624   14.174  1.00 13.83 ? 23   GLU A CA  1 
ATOM   180 C C   . GLU A 1 23 ? 1.236   3.630   12.659  1.00 11.71 ? 23   GLU A C   1 
ATOM   181 O O   . GLU A 1 23 ? 1.523   2.633   11.991  1.00 11.16 ? 23   GLU A O   1 
ATOM   182 C CB  . GLU A 1 23 ? 0.145   3.097   14.849  1.00 15.51 ? 23   GLU A CB  1 
ATOM   183 C CG  . GLU A 1 23 ? 0.306   2.816   16.337  1.00 21.87 ? 23   GLU A CG  1 
ATOM   184 C CD  . GLU A 1 23 ? -0.792  1.925   16.888  1.00 27.31 ? 23   GLU A CD  1 
ATOM   185 O OE1 . GLU A 1 23 ? -0.798  1.675   18.112  1.00 35.95 ? 23   GLU A OE1 1 
ATOM   186 O OE2 . GLU A 1 23 ? -1.645  1.469   16.099  1.00 31.30 ? 23   GLU A OE2 1 
ATOM   187 N N   . ALA A 1 24 ? 0.760   4.751   12.121  1.00 12.16 ? 24   ALA A N   1 
ATOM   188 C CA  . ALA A 1 24 ? 0.570   4.882   10.679  1.00 11.67 ? 24   ALA A CA  1 
ATOM   189 C C   . ALA A 1 24 ? 1.945   4.836   10.018  1.00 9.67  ? 24   ALA A C   1 
ATOM   190 O O   . ALA A 1 24 ? 2.155   4.133   9.031   1.00 11.19 ? 24   ALA A O   1 
ATOM   191 C CB  . ALA A 1 24 ? -0.131  6.199   10.358  1.00 10.96 ? 24   ALA A CB  1 
ATOM   192 N N   . LEU A 1 25 ? 2.890   5.577   10.585  1.00 12.30 ? 25   LEU A N   1 
ATOM   193 C CA  . LEU A 1 25 ? 4.245   5.606   10.058  1.00 12.85 ? 25   LEU A CA  1 
ATOM   194 C C   . LEU A 1 25 ? 4.897   4.225   10.180  1.00 10.58 ? 25   LEU A C   1 
ATOM   195 O O   . LEU A 1 25 ? 5.608   3.789   9.271   1.00 13.08 ? 25   LEU A O   1 
ATOM   196 C CB  . LEU A 1 25 ? 5.075   6.652   10.805  1.00 14.96 ? 25   LEU A CB  1 
ATOM   197 C CG  . LEU A 1 25 ? 6.501   6.889   10.304  1.00 17.75 ? 25   LEU A CG  1 
ATOM   198 C CD1 . LEU A 1 25 ? 6.483   7.289   8.836   1.00 17.34 ? 25   LEU A CD1 1 
ATOM   199 C CD2 . LEU A 1 25 ? 7.151   7.975   11.142  1.00 18.94 ? 25   LEU A CD2 1 
ATOM   200 N N   . ASP A 1 26 ? 4.653   3.534   11.294  1.00 12.41 ? 26   ASP A N   1 
ATOM   201 C CA  . ASP A 1 26 ? 5.218   2.198   11.489  1.00 12.74 ? 26   ASP A CA  1 
ATOM   202 C C   . ASP A 1 26 ? 4.756   1.271   10.361  1.00 11.07 ? 26   ASP A C   1 
ATOM   203 O O   . ASP A 1 26 ? 5.547   0.517   9.797   1.00 12.29 ? 26   ASP A O   1 
ATOM   204 C CB  . ASP A 1 26 ? 4.776   1.588   12.828  1.00 12.81 ? 26   ASP A CB  1 
ATOM   205 C CG  . ASP A 1 26 ? 5.377   2.292   14.037  1.00 14.97 ? 26   ASP A CG  1 
ATOM   206 O OD1 . ASP A 1 26 ? 6.460   2.906   13.910  1.00 17.04 ? 26   ASP A OD1 1 
ATOM   207 O OD2 . ASP A 1 26 ? 4.764   2.208   15.122  1.00 17.07 ? 26   ASP A OD2 1 
ATOM   208 N N   . PHE A 1 27 ? 3.469   1.334   10.039  1.00 10.46 ? 27   PHE A N   1 
ATOM   209 C CA  . PHE A 1 27 ? 2.916   0.494   8.986   1.00 11.04 ? 27   PHE A CA  1 
ATOM   210 C C   . PHE A 1 27 ? 3.512   0.865   7.632   1.00 9.55  ? 27   PHE A C   1 
ATOM   211 O O   . PHE A 1 27 ? 3.849   -0.006  6.835   1.00 9.97  ? 27   PHE A O   1 
ATOM   212 C CB  . PHE A 1 27 ? 1.397   0.639   8.947   1.00 11.88 ? 27   PHE A CB  1 
ATOM   213 C CG  . PHE A 1 27 ? 0.738   -0.182  7.876   1.00 12.55 ? 27   PHE A CG  1 
ATOM   214 C CD1 . PHE A 1 27 ? 0.743   -1.572  7.944   1.00 15.94 ? 27   PHE A CD1 1 
ATOM   215 C CD2 . PHE A 1 27 ? 0.122   0.434   6.793   1.00 15.34 ? 27   PHE A CD2 1 
ATOM   216 C CE1 . PHE A 1 27 ? 0.141   -2.337  6.945   1.00 20.37 ? 27   PHE A CE1 1 
ATOM   217 C CE2 . PHE A 1 27 ? -0.483  -0.325  5.790   1.00 18.20 ? 27   PHE A CE2 1 
ATOM   218 C CZ  . PHE A 1 27 ? -0.471  -1.710  5.869   1.00 19.15 ? 27   PHE A CZ  1 
ATOM   219 N N   . ALA A 1 28 ? 3.652   2.161   7.382   1.00 11.36 ? 28   ALA A N   1 
ATOM   220 C CA  . ALA A 1 28 ? 4.220   2.621   6.126   1.00 11.00 ? 28   ALA A CA  1 
ATOM   221 C C   . ALA A 1 28 ? 5.622   2.050   5.935   1.00 9.67  ? 28   ALA A C   1 
ATOM   222 O O   . ALA A 1 28 ? 6.006   1.688   4.830   1.00 10.60 ? 28   ALA A O   1 
ATOM   223 C CB  . ALA A 1 28 ? 4.260   4.151   6.095   1.00 10.96 ? 28   ALA A CB  1 
ATOM   224 N N   . ASN A 1 29 ? 6.391   1.971   7.015   1.00 11.57 ? 29   ASN A N   1 
ATOM   225 C CA  . ASN A 1 29 ? 7.740   1.429   6.925   1.00 12.04 ? 29   ASN A CA  1 
ATOM   226 C C   . ASN A 1 29 ? 7.736   -0.054  6.570   1.00 9.96  ? 29   ASN A C   1 
ATOM   227 O O   . ASN A 1 29 ? 8.624   -0.524  5.864   1.00 12.45 ? 29   ASN A O   1 
ATOM   228 C CB  . ASN A 1 29 ? 8.494   1.680   8.229   1.00 15.02 ? 29   ASN A CB  1 
ATOM   229 C CG  . ASN A 1 29 ? 9.174   3.047   8.243   1.00 15.14 ? 29   ASN A CG  1 
ATOM   230 O OD1 . ASN A 1 29 ? 10.362  3.172   7.928   1.00 17.89 ? 29   ASN A OD1 1 
ATOM   231 N ND2 . ASN A 1 29 ? 8.406   4.084   8.569   1.00 22.60 ? 29   ASN A ND2 1 
ATOM   232 N N   . ARG A 1 30 ? 6.737   -0.788  7.051   1.00 10.13 ? 30   ARG A N   1 
ATOM   233 C CA  . ARG A 1 30 ? 6.644   -2.207  6.723   1.00 10.66 ? 30   ARG A CA  1 
ATOM   234 C C   . ARG A 1 30 ? 6.285   -2.354  5.241   1.00 7.66  ? 30   ARG A C   1 
ATOM   235 O O   . ARG A 1 30 ? 6.785   -3.250  4.568   1.00 9.29  ? 30   ARG A O   1 
ATOM   236 C CB  . ARG A 1 30 ? 5.594   -2.887  7.598   1.00 10.53 ? 30   ARG A CB  1 
ATOM   237 C CG  . ARG A 1 30 ? 5.982   -2.930  9.071   1.00 12.23 ? 30   ARG A CG  1 
ATOM   238 C CD  . ARG A 1 30 ? 4.928   -3.638  9.898   1.00 17.00 ? 30   ARG A CD  1 
ATOM   239 N NE  . ARG A 1 30 ? 4.799   -5.040  9.520   1.00 18.24 ? 30   ARG A NE  1 
ATOM   240 C CZ  . ARG A 1 30 ? 3.758   -5.806  9.830   1.00 18.39 ? 30   ARG A CZ  1 
ATOM   241 N NH1 . ARG A 1 30 ? 2.746   -5.303  10.526  1.00 26.71 ? 30   ARG A NH1 1 
ATOM   242 N NH2 . ARG A 1 30 ? 3.728   -7.072  9.441   1.00 21.52 ? 30   ARG A NH2 1 
ATOM   243 N N   . VAL A 1 31 ? 5.420   -1.475  4.734   1.00 8.75  ? 31   VAL A N   1 
ATOM   244 C CA  . VAL A 1 31 ? 5.049   -1.523  3.323   1.00 8.95  ? 31   VAL A CA  1 
ATOM   245 C C   . VAL A 1 31 ? 6.297   -1.177  2.504   1.00 8.96  ? 31   VAL A C   1 
ATOM   246 O O   . VAL A 1 31 ? 6.526   -1.742  1.439   1.00 9.86  ? 31   VAL A O   1 
ATOM   247 C CB  . VAL A 1 31 ? 3.903   -0.530  2.994   1.00 8.47  ? 31   VAL A CB  1 
ATOM   248 C CG1 . VAL A 1 31 ? 3.583   -0.571  1.501   1.00 10.12 ? 31   VAL A CG1 1 
ATOM   249 C CG2 . VAL A 1 31 ? 2.658   -0.887  3.795   1.00 11.68 ? 31   VAL A CG2 1 
ATOM   250 N N   . GLY A 1 32 ? 7.111   -0.258  3.018   1.00 10.66 ? 32   GLY A N   1 
ATOM   251 C CA  . GLY A 1 32 ? 8.335   0.114   2.325   1.00 12.22 ? 32   GLY A CA  1 
ATOM   252 C C   . GLY A 1 32 ? 9.311   -1.050  2.217   1.00 9.92  ? 32   GLY A C   1 
ATOM   253 O O   . GLY A 1 32 ? 9.946   -1.240  1.180   1.00 11.71 ? 32   GLY A O   1 
ATOM   254 N N   . ALA A 1 33 ? 9.434   -1.836  3.285   1.00 11.61 ? 33   ALA A N   1 
ATOM   255 C CA  . ALA A 1 33 ? 10.335  -2.988  3.281   1.00 12.16 ? 33   ALA A CA  1 
ATOM   256 C C   . ALA A 1 33 ? 9.844   -4.011  2.264   1.00 11.51 ? 33   ALA A C   1 
ATOM   257 O O   . ALA A 1 33 ? 10.633  -4.628  1.547   1.00 12.12 ? 33   ALA A O   1 
ATOM   258 C CB  . ALA A 1 33 ? 10.399  -3.615  4.670   1.00 13.75 ? 33   ALA A CB  1 
ATOM   259 N N   . LEU A 1 34 ? 8.528   -4.186  2.210   1.00 11.29 ? 34   LEU A N   1 
ATOM   260 C CA  . LEU A 1 34 ? 7.908   -5.107  1.271   1.00 11.51 ? 34   LEU A CA  1 
ATOM   261 C C   . LEU A 1 34 ? 8.232   -4.662  -0.158  1.00 9.32  ? 34   LEU A C   1 
ATOM   262 O O   . LEU A 1 34 ? 8.609   -5.471  -1.008  1.00 11.34 ? 34   LEU A O   1 
ATOM   263 C CB  . LEU A 1 34 ? 6.394   -5.117  1.497   1.00 12.53 ? 34   LEU A CB  1 
ATOM   264 C CG  . LEU A 1 34 ? 5.507   -5.743  0.422   1.00 12.31 ? 34   LEU A CG  1 
ATOM   265 C CD1 . LEU A 1 34 ? 5.845   -7.216  0.265   1.00 14.65 ? 34   LEU A CD1 1 
ATOM   266 C CD2 . LEU A 1 34 ? 4.043   -5.561  0.801   1.00 12.44 ? 34   LEU A CD2 1 
ATOM   267 N N   . ALA A 1 35 ? 8.089   -3.364  -0.408  1.00 10.08 ? 35   ALA A N   1 
ATOM   268 C CA  . ALA A 1 35 ? 8.362   -2.791  -1.722  1.00 10.55 ? 35   ALA A CA  1 
ATOM   269 C C   . ALA A 1 35 ? 9.804   -3.053  -2.151  1.00 10.34 ? 35   ALA A C   1 
ATOM   270 O O   . ALA A 1 35 ? 10.071  -3.368  -3.310  1.00 12.26 ? 35   ALA A O   1 
ATOM   271 C CB  . ALA A 1 35 ? 8.086   -1.291  -1.700  1.00 10.47 ? 35   ALA A CB  1 
ATOM   272 N N   . GLU A 1 36 ? 10.732  -2.914  -1.209  1.00 13.33 ? 36   GLU A N   1 
ATOM   273 C CA  . GLU A 1 36 ? 12.147  -3.132  -1.491  1.00 14.79 ? 36   GLU A CA  1 
ATOM   274 C C   . GLU A 1 36 ? 12.407  -4.585  -1.886  1.00 14.73 ? 36   GLU A C   1 
ATOM   275 O O   . GLU A 1 36 ? 13.196  -4.857  -2.791  1.00 17.85 ? 36   GLU A O   1 
ATOM   276 C CB  . GLU A 1 36 ? 12.992  -2.774  -0.267  1.00 16.28 ? 36   GLU A CB  1 
ATOM   277 C CG  . GLU A 1 36 ? 12.979  -1.299  0.120   1.00 24.15 ? 36   GLU A CG  1 
ATOM   278 C CD  . GLU A 1 36 ? 13.759  -0.425  -0.846  1.00 28.54 ? 36   GLU A CD  1 
ATOM   279 O OE1 . GLU A 1 36 ? 13.275  -0.184  -1.970  1.00 28.48 ? 36   GLU A OE1 1 
ATOM   280 O OE2 . GLU A 1 36 ? 14.869  0.018   -0.479  1.00 33.03 ? 36   GLU A OE2 1 
ATOM   281 N N   . ARG A 1 37 ? 11.740  -5.514  -1.206  1.00 15.76 ? 37   ARG A N   1 
ATOM   282 C CA  . ARG A 1 37 ? 11.910  -6.938  -1.484  1.00 17.66 ? 37   ARG A CA  1 
ATOM   283 C C   . ARG A 1 37 ? 11.359  -7.351  -2.848  1.00 18.51 ? 37   ARG A C   1 
ATOM   284 O O   . ARG A 1 37 ? 11.952  -8.179  -3.541  1.00 20.48 ? 37   ARG A O   1 
ATOM   285 C CB  . ARG A 1 37 ? 11.219  -7.784  -0.408  1.00 21.55 ? 37   ARG A CB  1 
ATOM   286 C CG  . ARG A 1 37 ? 11.758  -7.615  1.001   1.00 28.41 ? 37   ARG A CG  1 
ATOM   287 C CD  . ARG A 1 37 ? 11.309  -8.772  1.890   1.00 33.15 ? 37   ARG A CD  1 
ATOM   288 N NE  . ARG A 1 37 ? 9.860   -8.829  2.074   1.00 32.61 ? 37   ARG A NE  1 
ATOM   289 C CZ  . ARG A 1 37 ? 9.177   -8.048  2.906   1.00 33.44 ? 37   ARG A CZ  1 
ATOM   290 N NH1 . ARG A 1 37 ? 9.808   -7.143  3.642   1.00 29.78 ? 37   ARG A NH1 1 
ATOM   291 N NH2 . ARG A 1 37 ? 7.861   -8.175  3.008   1.00 34.02 ? 37   ARG A NH2 1 
ATOM   292 N N   . GLU A 1 38 ? 10.224  -6.772  -3.226  1.00 14.28 ? 38   GLU A N   1 
ATOM   293 C CA  . GLU A 1 38 ? 9.570   -7.105  -4.487  1.00 14.86 ? 38   GLU A CA  1 
ATOM   294 C C   . GLU A 1 38 ? 9.947   -6.213  -5.664  1.00 11.24 ? 38   GLU A C   1 
ATOM   295 O O   . GLU A 1 38 ? 9.448   -6.405  -6.778  1.00 14.46 ? 38   GLU A O   1 
ATOM   296 C CB  . GLU A 1 38 ? 8.054   -7.075  -4.293  1.00 15.73 ? 38   GLU A CB  1 
ATOM   297 C CG  . GLU A 1 38 ? 7.569   -8.015  -3.201  1.00 18.27 ? 38   GLU A CG  1 
ATOM   298 C CD  . GLU A 1 38 ? 7.871   -9.467  -3.513  1.00 24.94 ? 38   GLU A CD  1 
ATOM   299 O OE1 . GLU A 1 38 ? 7.746   -10.312 -2.602  1.00 30.72 ? 38   GLU A OE1 1 
ATOM   300 O OE2 . GLU A 1 38 ? 8.226   -9.763  -4.673  1.00 26.63 ? 38   GLU A OE2 1 
ATOM   301 N N   . ASN A 1 39 ? 10.813  -5.237  -5.422  1.00 13.25 ? 39   ASN A N   1 
ATOM   302 C CA  . ASN A 1 39 ? 11.244  -4.325  -6.473  1.00 13.01 ? 39   ASN A CA  1 
ATOM   303 C C   . ASN A 1 39 ? 10.090  -3.579  -7.143  1.00 11.14 ? 39   ASN A C   1 
ATOM   304 O O   . ASN A 1 39 ? 10.119  -3.320  -8.348  1.00 14.12 ? 39   ASN A O   1 
ATOM   305 C CB  . ASN A 1 39 ? 12.049  -5.084  -7.533  1.00 17.93 ? 39   ASN A CB  1 
ATOM   306 C CG  . ASN A 1 39 ? 13.330  -5.668  -6.977  1.00 22.32 ? 39   ASN A CG  1 
ATOM   307 O OD1 . ASN A 1 39 ? 14.137  -4.959  -6.375  1.00 23.33 ? 39   ASN A OD1 1 
ATOM   308 N ND2 . ASN A 1 39 ? 13.526  -6.966  -7.176  1.00 28.24 ? 39   ASN A ND2 1 
ATOM   309 N N   . HIS A 1 40 ? 9.071   -3.239  -6.360  1.00 10.95 ? 40   HIS A N   1 
ATOM   310 C CA  . HIS A 1 40 ? 7.927   -2.498  -6.876  1.00 9.25  ? 40   HIS A CA  1 
ATOM   311 C C   . HIS A 1 40 ? 7.486   -1.586  -5.745  1.00 9.34  ? 40   HIS A C   1 
ATOM   312 O O   . HIS A 1 40 ? 7.169   -2.048  -4.647  1.00 10.08 ? 40   HIS A O   1 
ATOM   313 C CB  . HIS A 1 40 ? 6.802   -3.448  -7.289  1.00 10.67 ? 40   HIS A CB  1 
ATOM   314 C CG  . HIS A 1 40 ? 5.748   -2.797  -8.129  1.00 9.71  ? 40   HIS A CG  1 
ATOM   315 N ND1 . HIS A 1 40 ? 6.036   -2.135  -9.303  1.00 13.94 ? 40   HIS A ND1 1 
ATOM   316 C CD2 . HIS A 1 40 ? 4.407   -2.703  -7.964  1.00 9.70  ? 40   HIS A CD2 1 
ATOM   317 C CE1 . HIS A 1 40 ? 4.918   -1.662  -9.826  1.00 13.98 ? 40   HIS A CE1 1 
ATOM   318 N NE2 . HIS A 1 40 ? 3.915   -1.994  -9.032  1.00 10.44 ? 40   HIS A NE2 1 
ATOM   319 N N   . HIS A 1 41 ? 7.463   -0.289  -6.021  1.00 9.30  ? 41   HIS A N   1 
ATOM   320 C CA  . HIS A 1 41 ? 7.143   0.687   -4.997  1.00 8.62  ? 41   HIS A CA  1 
ATOM   321 C C   . HIS A 1 41 ? 5.820   1.402   -5.142  1.00 8.56  ? 41   HIS A C   1 
ATOM   322 O O   . HIS A 1 41 ? 5.399   1.757   -6.240  1.00 9.26  ? 41   HIS A O   1 
ATOM   323 C CB  . HIS A 1 41 ? 8.277   1.702   -4.910  1.00 10.09 ? 41   HIS A CB  1 
ATOM   324 C CG  . HIS A 1 41 ? 9.604   1.083   -4.604  1.00 11.50 ? 41   HIS A CG  1 
ATOM   325 N ND1 . HIS A 1 41 ? 10.354  0.419   -5.552  1.00 16.67 ? 41   HIS A ND1 1 
ATOM   326 C CD2 . HIS A 1 41 ? 10.293  0.978   -3.443  1.00 13.02 ? 41   HIS A CD2 1 
ATOM   327 C CE1 . HIS A 1 41 ? 11.446  -0.066  -4.988  1.00 13.36 ? 41   HIS A CE1 1 
ATOM   328 N NE2 . HIS A 1 41 ? 11.433  0.260   -3.709  1.00 17.08 ? 41   HIS A NE2 1 
ATOM   329 N N   . PRO A 1 42 ? 5.156   1.653   -4.011  1.00 7.49  ? 42   PRO A N   1 
ATOM   330 C CA  . PRO A 1 42 ? 3.864   2.332   -3.996  1.00 7.57  ? 42   PRO A CA  1 
ATOM   331 C C   . PRO A 1 42 ? 4.032   3.823   -3.792  1.00 7.83  ? 42   PRO A C   1 
ATOM   332 O O   . PRO A 1 42 ? 5.150   4.337   -3.686  1.00 7.81  ? 42   PRO A O   1 
ATOM   333 C CB  . PRO A 1 42 ? 3.205   1.726   -2.773  1.00 8.84  ? 42   PRO A CB  1 
ATOM   334 C CG  . PRO A 1 42 ? 4.366   1.727   -1.790  1.00 9.30  ? 42   PRO A CG  1 
ATOM   335 C CD  . PRO A 1 42 ? 5.543   1.242   -2.644  1.00 8.75  ? 42   PRO A CD  1 
ATOM   336 N N   . ARG A 1 43 ? 2.899   4.514   -3.776  1.00 8.30  ? 43   ARG A N   1 
ATOM   337 C CA  . ARG A 1 43 ? 2.884   5.915   -3.405  1.00 6.97  ? 43   ARG A CA  1 
ATOM   338 C C   . ARG A 1 43 ? 2.170   5.801   -2.056  1.00 7.15  ? 43   ARG A C   1 
ATOM   339 O O   . ARG A 1 43 ? 1.049   5.278   -1.971  1.00 7.46  ? 43   ARG A O   1 
ATOM   340 C CB  . ARG A 1 43 ? 2.066   6.792   -4.350  1.00 8.36  ? 43   ARG A CB  1 
ATOM   341 C CG  . ARG A 1 43 ? 1.989   8.241   -3.850  1.00 9.49  ? 43   ARG A CG  1 
ATOM   342 C CD  . ARG A 1 43 ? 1.577   9.205   -4.945  1.00 11.88 ? 43   ARG A CD  1 
ATOM   343 N NE  . ARG A 1 43 ? 0.228   8.944   -5.428  1.00 10.62 ? 43   ARG A NE  1 
ATOM   344 C CZ  . ARG A 1 43 ? -0.310  9.547   -6.484  1.00 14.45 ? 43   ARG A CZ  1 
ATOM   345 N NH1 . ARG A 1 43 ? 0.392   10.442  -7.168  1.00 15.35 ? 43   ARG A NH1 1 
ATOM   346 N NH2 . ARG A 1 43 ? -1.548  9.255   -6.852  1.00 15.22 ? 43   ARG A NH2 1 
ATOM   347 N N   . LEU A 1 44 ? 2.843   6.244   -1.001  1.00 6.69  ? 44   LEU A N   1 
ATOM   348 C CA  . LEU A 1 44 ? 2.294   6.182   0.345   1.00 7.69  ? 44   LEU A CA  1 
ATOM   349 C C   . LEU A 1 44 ? 1.946   7.559   0.857   1.00 8.49  ? 44   LEU A C   1 
ATOM   350 O O   . LEU A 1 44 ? 2.738   8.492   0.727   1.00 10.94 ? 44   LEU A O   1 
ATOM   351 C CB  . LEU A 1 44 ? 3.312   5.584   1.311   1.00 10.07 ? 44   LEU A CB  1 
ATOM   352 C CG  . LEU A 1 44 ? 3.830   4.183   1.017   1.00 9.31  ? 44   LEU A CG  1 
ATOM   353 C CD1 . LEU A 1 44 ? 4.939   3.827   2.001   1.00 11.87 ? 44   LEU A CD1 1 
ATOM   354 C CD2 . LEU A 1 44 ? 2.685   3.191   1.113   1.00 12.93 ? 44   LEU A CD2 1 
ATOM   355 N N   . THR A 1 45 ? 0.768   7.693   1.450   1.00 7.09  ? 45   THR A N   1 
ATOM   356 C CA  . THR A 1 45 ? 0.372   8.968   2.031   1.00 8.38  ? 45   THR A CA  1 
ATOM   357 C C   . THR A 1 45 ? 0.143   8.693   3.510   1.00 8.05  ? 45   THR A C   1 
ATOM   358 O O   . THR A 1 45 ? -0.734  7.909   3.879   1.00 10.98 ? 45   THR A O   1 
ATOM   359 C CB  . THR A 1 45 ? -0.908  9.520   1.396   1.00 9.91  ? 45   THR A CB  1 
ATOM   360 O OG1 . THR A 1 45 ? -0.714  9.646   -0.016  1.00 11.21 ? 45   THR A OG1 1 
ATOM   361 C CG2 . THR A 1 45 ? -1.237  10.895  1.975   1.00 11.67 ? 45   THR A CG2 1 
ATOM   362 N N   . VAL A 1 46 ? 0.961   9.320   4.347   1.00 8.53  ? 46   VAL A N   1 
ATOM   363 C CA  . VAL A 1 46 ? 0.894   9.140   5.787   1.00 8.79  ? 46   VAL A CA  1 
ATOM   364 C C   . VAL A 1 46 ? 0.415   10.407  6.473   1.00 8.37  ? 46   VAL A C   1 
ATOM   365 O O   . VAL A 1 46 ? 0.929   11.500  6.224   1.00 8.88  ? 46   VAL A O   1 
ATOM   366 C CB  . VAL A 1 46 ? 2.283   8.781   6.348   1.00 10.52 ? 46   VAL A CB  1 
ATOM   367 C CG1 . VAL A 1 46 ? 2.191   8.496   7.840   1.00 11.97 ? 46   VAL A CG1 1 
ATOM   368 C CG2 . VAL A 1 46 ? 2.846   7.581   5.600   1.00 11.55 ? 46   VAL A CG2 1 
ATOM   369 N N   . GLU A 1 47 ? -0.584  10.258  7.326   1.00 9.08  ? 47   GLU A N   1 
ATOM   370 C CA  . GLU A 1 47 ? -1.116  11.383  8.076   1.00 9.84  ? 47   GLU A CA  1 
ATOM   371 C C   . GLU A 1 47 ? -1.630  10.845  9.393   1.00 9.89  ? 47   GLU A C   1 
ATOM   372 O O   . GLU A 1 47 ? -1.631  9.636   9.610   1.00 9.83  ? 47   GLU A O   1 
ATOM   373 C CB  . GLU A 1 47 ? -2.236  12.070  7.296   1.00 13.71 ? 47   GLU A CB  1 
ATOM   374 C CG  . GLU A 1 47 ? -3.259  11.124  6.713   1.00 19.32 ? 47   GLU A CG  1 
ATOM   375 C CD  . GLU A 1 47 ? -4.111  11.783  5.645   1.00 21.64 ? 47   GLU A CD  1 
ATOM   376 O OE1 . GLU A 1 47 ? -4.821  11.052  4.925   1.00 24.21 ? 47   GLU A OE1 1 
ATOM   377 O OE2 . GLU A 1 47 ? -4.073  13.027  5.525   1.00 24.02 ? 47   GLU A OE2 1 
ATOM   378 N N   . TRP A 1 48 ? -2.040  11.734  10.285  1.00 10.25 ? 48   TRP A N   1 
ATOM   379 C CA  . TRP A 1 48 ? -2.552  11.282  11.566  1.00 10.67 ? 48   TRP A CA  1 
ATOM   380 C C   . TRP A 1 48 ? -3.675  10.273  11.371  1.00 9.40  ? 48   TRP A C   1 
ATOM   381 O O   . TRP A 1 48 ? -4.667  10.562  10.707  1.00 12.35 ? 48   TRP A O   1 
ATOM   382 C CB  . TRP A 1 48 ? -3.067  12.463  12.393  1.00 10.94 ? 48   TRP A CB  1 
ATOM   383 C CG  . TRP A 1 48 ? -3.650  12.026  13.704  1.00 12.99 ? 48   TRP A CG  1 
ATOM   384 C CD1 . TRP A 1 48 ? -4.917  11.564  13.929  1.00 14.81 ? 48   TRP A CD1 1 
ATOM   385 C CD2 . TRP A 1 48 ? -2.958  11.922  14.952  1.00 13.33 ? 48   TRP A CD2 1 
ATOM   386 N NE1 . TRP A 1 48 ? -5.053  11.176  15.241  1.00 14.18 ? 48   TRP A NE1 1 
ATOM   387 C CE2 . TRP A 1 48 ? -3.867  11.384  15.892  1.00 13.06 ? 48   TRP A CE2 1 
ATOM   388 C CE3 . TRP A 1 48 ? -1.656  12.228  15.369  1.00 13.96 ? 48   TRP A CE3 1 
ATOM   389 C CZ2 . TRP A 1 48 ? -3.513  11.145  17.224  1.00 17.28 ? 48   TRP A CZ2 1 
ATOM   390 C CZ3 . TRP A 1 48 ? -1.305  11.990  16.696  1.00 14.96 ? 48   TRP A CZ3 1 
ATOM   391 C CH2 . TRP A 1 48 ? -2.233  11.453  17.606  1.00 15.57 ? 48   TRP A CH2 1 
ATOM   392 N N   . GLY A 1 49 ? -3.492  9.085   11.940  1.00 10.97 ? 49   GLY A N   1 
ATOM   393 C CA  . GLY A 1 49 ? -4.505  8.046   11.870  1.00 12.49 ? 49   GLY A CA  1 
ATOM   394 C C   . GLY A 1 49 ? -4.766  7.335   10.554  1.00 11.46 ? 49   GLY A C   1 
ATOM   395 O O   . GLY A 1 49 ? -5.722  6.563   10.463  1.00 12.63 ? 49   GLY A O   1 
ATOM   396 N N   . ARG A 1 50 ? -3.944  7.558   9.534   1.00 10.31 ? 50   ARG A N   1 
ATOM   397 C CA  . ARG A 1 50 ? -4.195  6.881   8.274   1.00 10.46 ? 50   ARG A CA  1 
ATOM   398 C C   . ARG A 1 50 ? -3.021  6.786   7.332   1.00 9.09  ? 50   ARG A C   1 
ATOM   399 O O   . ARG A 1 50 ? -2.192  7.691   7.241   1.00 10.51 ? 50   ARG A O   1 
ATOM   400 C CB  . ARG A 1 50 ? -5.333  7.572   7.529   1.00 14.76 ? 50   ARG A CB  1 
ATOM   401 C CG  A ARG A 1 50 ? -5.767  6.875   6.232   0.50 19.26 ? 50   ARG A CG  1 
ATOM   402 C CG  B ARG A 1 50 ? -5.736  6.880   6.247   0.50 19.24 ? 50   ARG A CG  1 
ATOM   403 C CD  A ARG A 1 50 ? -7.005  7.526   5.622   0.50 26.40 ? 50   ARG A CD  1 
ATOM   404 C CD  B ARG A 1 50 ? -6.664  7.785   5.481   0.50 26.57 ? 50   ARG A CD  1 
ATOM   405 N NE  A ARG A 1 50 ? -6.760  8.900   5.191   0.50 34.92 ? 50   ARG A NE  1 
ATOM   406 N NE  B ARG A 1 50 ? -7.602  8.480   6.366   0.50 35.21 ? 50   ARG A NE  1 
ATOM   407 C CZ  A ARG A 1 50 ? -7.663  9.661   4.579   0.50 38.68 ? 50   ARG A CZ  1 
ATOM   408 C CZ  B ARG A 1 50 ? -7.971  9.742   6.185   0.50 38.55 ? 50   ARG A CZ  1 
ATOM   409 N NH1 A ARG A 1 50 ? -8.873  9.181   4.325   0.50 39.97 ? 50   ARG A NH1 1 
ATOM   410 N NH1 B ARG A 1 50 ? -7.473  10.423  5.162   0.50 40.70 ? 50   ARG A NH1 1 
ATOM   411 N NH2 A ARG A 1 50 ? -7.356  10.899  4.214   0.50 41.66 ? 50   ARG A NH2 1 
ATOM   412 N NH2 B ARG A 1 50 ? -8.835  10.322  7.008   0.50 41.77 ? 50   ARG A NH2 1 
ATOM   413 N N   . VAL A 1 51 ? -2.962  5.661   6.634   1.00 8.68  ? 51   VAL A N   1 
ATOM   414 C CA  . VAL A 1 51 ? -1.958  5.449   5.610   1.00 8.32  ? 51   VAL A CA  1 
ATOM   415 C C   . VAL A 1 51 ? -2.725  5.041   4.366   1.00 8.33  ? 51   VAL A C   1 
ATOM   416 O O   . VAL A 1 51 ? -3.540  4.117   4.407   1.00 10.09 ? 51   VAL A O   1 
ATOM   417 C CB  . VAL A 1 51 ? -0.984  4.302   5.928   1.00 9.58  ? 51   VAL A CB  1 
ATOM   418 C CG1 . VAL A 1 51 ? -0.040  4.096   4.743   1.00 11.97 ? 51   VAL A CG1 1 
ATOM   419 C CG2 . VAL A 1 51 ? -0.192  4.611   7.183   1.00 12.47 ? 51   VAL A CG2 1 
ATOM   420 N N   . THR A 1 52 ? -2.493  5.751   3.271   1.00 8.06  ? 52   THR A N   1 
ATOM   421 C CA  . THR A 1 52 ? -3.115  5.404   2.005   1.00 7.55  ? 52   THR A CA  1 
ATOM   422 C C   . THR A 1 52 ? -2.004  4.766   1.181   1.00 7.00  ? 52   THR A C   1 
ATOM   423 O O   . THR A 1 52 ? -0.892  5.306   1.083   1.00 8.20  ? 52   THR A O   1 
ATOM   424 C CB  . THR A 1 52 ? -3.645  6.640   1.259   1.00 8.79  ? 52   THR A CB  1 
ATOM   425 O OG1 . THR A 1 52 ? -4.615  7.309   2.071   1.00 11.70 ? 52   THR A OG1 1 
ATOM   426 C CG2 . THR A 1 52 ? -4.308  6.230   -0.052  1.00 10.72 ? 52   THR A CG2 1 
ATOM   427 N N   . VAL A 1 53 ? -2.296  3.603   0.617   1.00 7.29  ? 53   VAL A N   1 
ATOM   428 C CA  . VAL A 1 53 ? -1.333  2.878   -0.194  1.00 7.01  ? 53   VAL A CA  1 
ATOM   429 C C   . VAL A 1 53 ? -1.878  2.788   -1.610  1.00 6.72  ? 53   VAL A C   1 
ATOM   430 O O   . VAL A 1 53 ? -3.011  2.347   -1.817  1.00 7.39  ? 53   VAL A O   1 
ATOM   431 C CB  . VAL A 1 53 ? -1.105  1.443   0.356   1.00 7.01  ? 53   VAL A CB  1 
ATOM   432 C CG1 . VAL A 1 53 ? -0.035  0.736   -0.465  1.00 8.27  ? 53   VAL A CG1 1 
ATOM   433 C CG2 . VAL A 1 53 ? -0.710  1.493   1.830   1.00 7.87  ? 53   VAL A CG2 1 
ATOM   434 N N   . GLU A 1 54 ? -1.071  3.213   -2.574  1.00 6.62  ? 54   GLU A N   1 
ATOM   435 C CA  . GLU A 1 54 ? -1.461  3.171   -3.979  1.00 7.14  ? 54   GLU A CA  1 
ATOM   436 C C   . GLU A 1 54 ? -0.429  2.385   -4.767  1.00 6.74  ? 54   GLU A C   1 
ATOM   437 O O   . GLU A 1 54 ? 0.774   2.647   -4.666  1.00 7.83  ? 54   GLU A O   1 
ATOM   438 C CB  . GLU A 1 54 ? -1.547  4.580   -4.564  1.00 7.65  ? 54   GLU A CB  1 
ATOM   439 C CG  . GLU A 1 54 ? -2.532  5.500   -3.884  1.00 10.07 ? 54   GLU A CG  1 
ATOM   440 C CD  . GLU A 1 54 ? -2.432  6.909   -4.420  1.00 9.81  ? 54   GLU A CD  1 
ATOM   441 O OE1 . GLU A 1 54 ? -2.997  7.191   -5.497  1.00 14.04 ? 54   GLU A OE1 1 
ATOM   442 O OE2 . GLU A 1 54 ? -1.762  7.736   -3.776  1.00 10.68 ? 54   GLU A OE2 1 
ATOM   443 N N   . TRP A 1 55 ? -0.909  1.420   -5.545  1.00 6.79  ? 55   TRP A N   1 
ATOM   444 C CA  . TRP A 1 55 ? -0.055  0.591   -6.379  1.00 7.32  ? 55   TRP A CA  1 
ATOM   445 C C   . TRP A 1 55 ? -0.449  0.711   -7.840  1.00 8.04  ? 55   TRP A C   1 
ATOM   446 O O   . TRP A 1 55 ? -1.623  0.587   -8.185  1.00 8.18  ? 55   TRP A O   1 
ATOM   447 C CB  . TRP A 1 55 ? -0.182  -0.896  -6.027  1.00 8.29  ? 55   TRP A CB  1 
ATOM   448 C CG  . TRP A 1 55 ? 0.201   -1.288  -4.645  1.00 7.36  ? 55   TRP A CG  1 
ATOM   449 C CD1 . TRP A 1 55 ? -0.643  -1.610  -3.619  1.00 7.63  ? 55   TRP A CD1 1 
ATOM   450 C CD2 . TRP A 1 55 ? 1.529   -1.432  -4.132  1.00 6.84  ? 55   TRP A CD2 1 
ATOM   451 N NE1 . TRP A 1 55 ? 0.077   -1.950  -2.500  1.00 8.32  ? 55   TRP A NE1 1 
ATOM   452 C CE2 . TRP A 1 55 ? 1.413   -1.846  -2.786  1.00 7.39  ? 55   TRP A CE2 1 
ATOM   453 C CE3 . TRP A 1 55 ? 2.806   -1.254  -4.679  1.00 7.91  ? 55   TRP A CE3 1 
ATOM   454 C CZ2 . TRP A 1 55 ? 2.528   -2.082  -1.978  1.00 8.93  ? 55   TRP A CZ2 1 
ATOM   455 C CZ3 . TRP A 1 55 ? 3.916   -1.493  -3.873  1.00 9.37  ? 55   TRP A CZ3 1 
ATOM   456 C CH2 . TRP A 1 55 ? 3.766   -1.900  -2.536  1.00 9.69  ? 55   TRP A CH2 1 
ATOM   457 N N   . TRP A 1 56 ? 0.530   0.962   -8.698  1.00 8.08  ? 56   TRP A N   1 
ATOM   458 C CA  . TRP A 1 56 ? 0.282   0.969   -10.133 1.00 8.45  ? 56   TRP A CA  1 
ATOM   459 C C   . TRP A 1 56 ? 1.609   0.800   -10.842 1.00 8.09  ? 56   TRP A C   1 
ATOM   460 O O   . TRP A 1 56 ? 2.676   0.919   -10.235 1.00 8.69  ? 56   TRP A O   1 
ATOM   461 C CB  . TRP A 1 56 ? -0.457  2.235   -10.607 1.00 9.65  ? 56   TRP A CB  1 
ATOM   462 C CG  . TRP A 1 56 ? 0.362   3.471   -10.756 1.00 10.11 ? 56   TRP A CG  1 
ATOM   463 C CD1 . TRP A 1 56 ? 1.017   3.899   -11.877 1.00 14.07 ? 56   TRP A CD1 1 
ATOM   464 C CD2 . TRP A 1 56 ? 0.575   4.473   -9.758  1.00 13.77 ? 56   TRP A CD2 1 
ATOM   465 N NE1 . TRP A 1 56 ? 1.621   5.112   -11.638 1.00 14.06 ? 56   TRP A NE1 1 
ATOM   466 C CE2 . TRP A 1 56 ? 1.367   5.485   -10.344 1.00 13.50 ? 56   TRP A CE2 1 
ATOM   467 C CE3 . TRP A 1 56 ? 0.172   4.614   -8.423  1.00 13.85 ? 56   TRP A CE3 1 
ATOM   468 C CZ2 . TRP A 1 56 ? 1.763   6.631   -9.637  1.00 14.46 ? 56   TRP A CZ2 1 
ATOM   469 C CZ3 . TRP A 1 56 ? 0.565   5.751   -7.721  1.00 13.07 ? 56   TRP A CZ3 1 
ATOM   470 C CH2 . TRP A 1 56 ? 1.352   6.744   -8.329  1.00 13.70 ? 56   TRP A CH2 1 
ATOM   471 N N   . THR A 1 57 ? 1.533   0.469   -12.121 1.00 8.58  ? 57   THR A N   1 
ATOM   472 C CA  . THR A 1 57 ? 2.714   0.276   -12.935 1.00 9.74  ? 57   THR A CA  1 
ATOM   473 C C   . THR A 1 57 ? 2.731   1.389   -13.972 1.00 9.09  ? 57   THR A C   1 
ATOM   474 O O   . THR A 1 57 ? 1.892   1.433   -14.871 1.00 10.49 ? 57   THR A O   1 
ATOM   475 C CB  . THR A 1 57 ? 2.675   -1.100  -13.616 1.00 11.06 ? 57   THR A CB  1 
ATOM   476 O OG1 . THR A 1 57 ? 2.596   -2.117  -12.605 1.00 14.06 ? 57   THR A OG1 1 
ATOM   477 C CG2 . THR A 1 57 ? 3.927   -1.324  -14.447 1.00 13.94 ? 57   THR A CG2 1 
ATOM   478 N N   . HIS A 1 58 ? 3.687   2.299   -13.817 1.00 12.95 ? 58   HIS A N   1 
ATOM   479 C CA  . HIS A 1 58 ? 3.827   3.449   -14.702 1.00 15.64 ? 58   HIS A CA  1 
ATOM   480 C C   . HIS A 1 58 ? 3.842   3.123   -16.189 1.00 12.45 ? 58   HIS A C   1 
ATOM   481 O O   . HIS A 1 58 ? 3.070   3.693   -16.961 1.00 13.42 ? 58   HIS A O   1 
ATOM   482 C CB  . HIS A 1 58 ? 5.103   4.224   -14.365 1.00 20.08 ? 58   HIS A CB  1 
ATOM   483 C CG  . HIS A 1 58 ? 5.379   5.364   -15.297 1.00 26.32 ? 58   HIS A CG  1 
ATOM   484 N ND1 . HIS A 1 58 ? 4.594   6.497   -15.340 1.00 29.42 ? 58   HIS A ND1 1 
ATOM   485 C CD2 . HIS A 1 58 ? 6.333   5.534   -16.242 1.00 29.08 ? 58   HIS A CD2 1 
ATOM   486 C CE1 . HIS A 1 58 ? 5.054   7.314   -16.269 1.00 28.37 ? 58   HIS A CE1 1 
ATOM   487 N NE2 . HIS A 1 58 ? 6.108   6.753   -16.832 1.00 31.99 ? 58   HIS A NE2 1 
ATOM   488 N N   . SER A 1 59 ? 4.719   2.211   -16.590 1.00 13.81 ? 59   SER A N   1 
ATOM   489 C CA  . SER A 1 59 ? 4.843   1.856   -17.996 1.00 11.90 ? 59   SER A CA  1 
ATOM   490 C C   . SER A 1 59 ? 3.535   1.381   -18.607 1.00 11.41 ? 59   SER A C   1 
ATOM   491 O O   . SER A 1 59 ? 3.261   1.648   -19.780 1.00 13.39 ? 59   SER A O   1 
ATOM   492 C CB  . SER A 1 59 ? 5.920   0.780   -18.184 1.00 13.87 ? 59   SER A CB  1 
ATOM   493 O OG  . SER A 1 59 ? 5.489   -0.479  -17.697 1.00 13.20 ? 59   SER A OG  1 
ATOM   494 N N   . ALA A 1 60 ? 2.725   0.688   -17.814 1.00 11.61 ? 60   ALA A N   1 
ATOM   495 C CA  . ALA A 1 60 ? 1.450   0.162   -18.282 1.00 12.55 ? 60   ALA A CA  1 
ATOM   496 C C   . ALA A 1 60 ? 0.314   1.171   -18.164 1.00 12.45 ? 60   ALA A C   1 
ATOM   497 O O   . ALA A 1 60 ? -0.761  0.970   -18.732 1.00 15.46 ? 60   ALA A O   1 
ATOM   498 C CB  . ALA A 1 60 ? 1.101   -1.101  -17.506 1.00 13.67 ? 60   ALA A CB  1 
ATOM   499 N N   . GLY A 1 61 ? 0.550   2.246   -17.422 1.00 13.34 ? 61   GLY A N   1 
ATOM   500 C CA  . GLY A 1 61 ? -0.476  3.257   -17.241 1.00 14.64 ? 61   GLY A CA  1 
ATOM   501 C C   . GLY A 1 61 ? -1.667  2.715   -16.473 1.00 15.23 ? 61   GLY A C   1 
ATOM   502 O O   . GLY A 1 61 ? -2.804  3.136   -16.694 1.00 16.29 ? 61   GLY A O   1 
ATOM   503 N N   . GLY A 1 62 ? -1.415  1.779   -15.565 1.00 12.68 ? 62   GLY A N   1 
ATOM   504 C CA  . GLY A 1 62 ? -2.505  1.208   -14.801 1.00 13.15 ? 62   GLY A CA  1 
ATOM   505 C C   . GLY A 1 62 ? -2.113  0.084   -13.868 1.00 10.96 ? 62   GLY A C   1 
ATOM   506 O O   . GLY A 1 62 ? -0.944  -0.075  -13.504 1.00 10.29 ? 62   GLY A O   1 
ATOM   507 N N   . VAL A 1 63 ? -3.112  -0.706  -13.496 1.00 10.87 ? 63   VAL A N   1 
ATOM   508 C CA  . VAL A 1 63 ? -2.943  -1.816  -12.572 1.00 9.70  ? 63   VAL A CA  1 
ATOM   509 C C   . VAL A 1 63 ? -2.601  -3.123  -13.277 1.00 11.69 ? 63   VAL A C   1 
ATOM   510 O O   . VAL A 1 63 ? -3.269  -3.519  -14.236 1.00 12.78 ? 63   VAL A O   1 
ATOM   511 C CB  . VAL A 1 63 ? -4.228  -2.002  -11.737 1.00 10.74 ? 63   VAL A CB  1 
ATOM   512 C CG1 . VAL A 1 63 ? -4.071  -3.159  -10.771 1.00 11.80 ? 63   VAL A CG1 1 
ATOM   513 C CG2 . VAL A 1 63 ? -4.537  -0.719  -10.979 1.00 11.49 ? 63   VAL A CG2 1 
ATOM   514 N N   . THR A 1 64 ? -1.554  -3.785  -12.796 1.00 10.18 ? 64   THR A N   1 
ATOM   515 C CA  . THR A 1 64 ? -1.112  -5.054  -13.365 1.00 10.55 ? 64   THR A CA  1 
ATOM   516 C C   . THR A 1 64 ? -1.133  -6.136  -12.292 1.00 10.45 ? 64   THR A C   1 
ATOM   517 O O   . THR A 1 64 ? -1.432  -5.865  -11.128 1.00 10.71 ? 64   THR A O   1 
ATOM   518 C CB  . THR A 1 64 ? 0.322   -4.963  -13.909 1.00 11.13 ? 64   THR A CB  1 
ATOM   519 O OG1 . THR A 1 64 ? 1.228   -4.751  -12.819 1.00 12.57 ? 64   THR A OG1 1 
ATOM   520 C CG2 . THR A 1 64 ? 0.442   -3.820  -14.911 1.00 14.50 ? 64   THR A CG2 1 
ATOM   521 N N   . GLU A 1 65 ? -0.802  -7.360  -12.685 1.00 11.40 ? 65   GLU A N   1 
ATOM   522 C CA  . GLU A 1 65 ? -0.787  -8.473  -11.750 1.00 10.84 ? 65   GLU A CA  1 
ATOM   523 C C   . GLU A 1 65 ? 0.176   -8.208  -10.592 1.00 10.26 ? 65   GLU A C   1 
ATOM   524 O O   . GLU A 1 65 ? -0.099  -8.582  -9.451  1.00 10.41 ? 65   GLU A O   1 
ATOM   525 C CB  . GLU A 1 65 ? -0.397  -9.760  -12.483 1.00 14.51 ? 65   GLU A CB  1 
ATOM   526 C CG  . GLU A 1 65 ? -0.859  -11.036 -11.799 1.00 22.61 ? 65   GLU A CG  1 
ATOM   527 C CD  . GLU A 1 65 ? -2.355  -11.040 -11.522 1.00 24.07 ? 65   GLU A CD  1 
ATOM   528 O OE1 . GLU A 1 65 ? -3.114  -10.437 -12.308 1.00 25.09 ? 65   GLU A OE1 1 
ATOM   529 O OE2 . GLU A 1 65 ? -2.777  -11.660 -10.524 1.00 31.76 ? 65   GLU A OE2 1 
ATOM   530 N N   . LYS A 1 66 ? 1.302   -7.560  -10.876 1.00 10.38 ? 66   LYS A N   1 
ATOM   531 C CA  . LYS A 1 66 ? 2.269   -7.262  -9.825  1.00 9.51  ? 66   LYS A CA  1 
ATOM   532 C C   . LYS A 1 66 ? 1.644   -6.354  -8.770  1.00 7.98  ? 66   LYS A C   1 
ATOM   533 O O   . LYS A 1 66 ? 1.895   -6.512  -7.576  1.00 8.78  ? 66   LYS A O   1 
ATOM   534 C CB  . LYS A 1 66 ? 3.509   -6.584  -10.410 1.00 10.41 ? 66   LYS A CB  1 
ATOM   535 C CG  . LYS A 1 66 ? 4.613   -6.329  -9.396  1.00 12.25 ? 66   LYS A CG  1 
ATOM   536 C CD  . LYS A 1 66 ? 5.159   -7.631  -8.834  1.00 13.63 ? 66   LYS A CD  1 
ATOM   537 C CE  . LYS A 1 66 ? 6.371   -7.380  -7.951  1.00 16.67 ? 66   LYS A CE  1 
ATOM   538 N NZ  . LYS A 1 66 ? 6.936   -8.652  -7.422  1.00 26.79 ? 66   LYS A NZ  1 
ATOM   539 N N   . ASP A 1 67 ? 0.839   -5.395  -9.212  1.00 7.75  ? 67   ASP A N   1 
ATOM   540 C CA  . ASP A 1 67 ? 0.188   -4.484  -8.284  1.00 7.46  ? 67   ASP A CA  1 
ATOM   541 C C   . ASP A 1 67 ? -0.773  -5.239  -7.376  1.00 8.01  ? 67   ASP A C   1 
ATOM   542 O O   . ASP A 1 67 ? -0.843  -4.973  -6.177  1.00 7.83  ? 67   ASP A O   1 
ATOM   543 C CB  . ASP A 1 67 ? -0.537  -3.399  -9.064  1.00 8.50  ? 67   ASP A CB  1 
ATOM   544 C CG  . ASP A 1 67 ? 0.422   -2.537  -9.844  1.00 9.02  ? 67   ASP A CG  1 
ATOM   545 O OD1 . ASP A 1 67 ? 1.308   -1.933  -9.207  1.00 8.77  ? 67   ASP A OD1 1 
ATOM   546 O OD2 . ASP A 1 67 ? 0.306   -2.475  -11.087 1.00 10.57 ? 67   ASP A OD2 1 
ATOM   547 N N   . ARG A 1 68 ? -1.511  -6.188  -7.943  1.00 7.97  ? 68   ARG A N   1 
ATOM   548 C CA  . ARG A 1 68 ? -2.437  -6.973  -7.140  1.00 9.43  ? 68   ARG A CA  1 
ATOM   549 C C   . ARG A 1 68 ? -1.686  -7.844  -6.144  1.00 8.58  ? 68   ARG A C   1 
ATOM   550 O O   . ARG A 1 68 ? -2.153  -8.052  -5.023  1.00 9.20  ? 68   ARG A O   1 
ATOM   551 C CB  . ARG A 1 68 ? -3.342  -7.804  -8.048  1.00 9.69  ? 68   ARG A CB  1 
ATOM   552 C CG  A ARG A 1 68 ? -4.370  -6.970  -8.795  0.50 10.74 ? 68   ARG A CG  1 
ATOM   553 C CG  B ARG A 1 68 ? -4.260  -6.928  -8.875  0.50 9.70  ? 68   ARG A CG  1 
ATOM   554 C CD  A ARG A 1 68 ? -5.362  -7.837  -9.557  0.50 14.44 ? 68   ARG A CD  1 
ATOM   555 C CD  B ARG A 1 68 ? -5.146  -7.727  -9.811  0.50 14.81 ? 68   ARG A CD  1 
ATOM   556 N NE  A ARG A 1 68 ? -4.851  -8.263  -10.855 0.50 15.30 ? 68   ARG A NE  1 
ATOM   557 N NE  B ARG A 1 68 ? -5.922  -6.842  -10.676 0.50 16.28 ? 68   ARG A NE  1 
ATOM   558 C CZ  A ARG A 1 68 ? -4.882  -7.513  -11.953 0.50 19.67 ? 68   ARG A CZ  1 
ATOM   559 C CZ  B ARG A 1 68 ? -5.684  -6.657  -11.968 0.50 18.55 ? 68   ARG A CZ  1 
ATOM   560 N NH1 A ARG A 1 68 ? -5.403  -6.294  -11.911 0.50 17.14 ? 68   ARG A NH1 1 
ATOM   561 N NH1 B ARG A 1 68 ? -4.691  -7.305  -12.562 0.50 20.26 ? 68   ARG A NH1 1 
ATOM   562 N NH2 A ARG A 1 68 ? -4.391  -7.982  -13.092 0.50 21.18 ? 68   ARG A NH2 1 
ATOM   563 N NH2 B ARG A 1 68 ? -6.430  -5.813  -12.668 0.50 22.34 ? 68   ARG A NH2 1 
ATOM   564 N N   . GLU A 1 69 ? -0.524  -8.346  -6.546  1.00 9.07  ? 69   GLU A N   1 
ATOM   565 C CA  . GLU A 1 69 ? 0.290   -9.153  -5.650  1.00 9.41  ? 69   GLU A CA  1 
ATOM   566 C C   . GLU A 1 69 ? 0.747   -8.275  -4.486  1.00 9.13  ? 69   GLU A C   1 
ATOM   567 O O   . GLU A 1 69 ? 0.691   -8.685  -3.330  1.00 9.77  ? 69   GLU A O   1 
ATOM   568 C CB  . GLU A 1 69 ? 1.516   -9.702  -6.379  1.00 10.71 ? 69   GLU A CB  1 
ATOM   569 C CG  . GLU A 1 69 ? 2.459   -10.468 -5.471  1.00 17.86 ? 69   GLU A CG  1 
ATOM   570 C CD  . GLU A 1 69 ? 3.740   -10.886 -6.160  1.00 24.64 ? 69   GLU A CD  1 
ATOM   571 O OE1 . GLU A 1 69 ? 4.549   -11.588 -5.519  1.00 28.09 ? 69   GLU A OE1 1 
ATOM   572 O OE2 . GLU A 1 69 ? 3.943   -10.517 -7.336  1.00 28.99 ? 69   GLU A OE2 1 
ATOM   573 N N   . MET A 1 70 ? 1.204   -7.063  -4.794  1.00 8.74  ? 70   MET A N   1 
ATOM   574 C CA  . MET A 1 70 ? 1.657   -6.156  -3.746  1.00 8.26  ? 70   MET A CA  1 
ATOM   575 C C   . MET A 1 70 ? 0.521   -5.798  -2.793  1.00 7.45  ? 70   MET A C   1 
ATOM   576 O O   . MET A 1 70 ? 0.738   -5.660  -1.593  1.00 7.75  ? 70   MET A O   1 
ATOM   577 C CB  . MET A 1 70 ? 2.265   -4.884  -4.350  1.00 8.37  ? 70   MET A CB  1 
ATOM   578 C CG  . MET A 1 70 ? 3.498   -5.140  -5.210  1.00 9.53  ? 70   MET A CG  1 
ATOM   579 S SD  . MET A 1 70 ? 4.788   -6.135  -4.403  1.00 11.04 ? 70   MET A SD  1 
ATOM   580 C CE  . MET A 1 70 ? 5.366   -4.985  -3.150  1.00 11.81 ? 70   MET A CE  1 
ATOM   581 N N   . ALA A 1 71 ? -0.687  -5.649  -3.324  1.00 7.25  ? 71   ALA A N   1 
ATOM   582 C CA  . ALA A 1 71 ? -1.839  -5.333  -2.490  1.00 8.28  ? 71   ALA A CA  1 
ATOM   583 C C   . ALA A 1 71 ? -2.097  -6.475  -1.502  1.00 7.95  ? 71   ALA A C   1 
ATOM   584 O O   . ALA A 1 71 ? -2.334  -6.247  -0.318  1.00 8.41  ? 71   ALA A O   1 
ATOM   585 C CB  . ALA A 1 71 ? -3.064  -5.105  -3.363  1.00 8.51  ? 71   ALA A CB  1 
ATOM   586 N N   . ARG A 1 72 ? -2.043  -7.709  -1.990  1.00 8.75  ? 72   ARG A N   1 
ATOM   587 C CA  . ARG A 1 72 ? -2.276  -8.854  -1.119  1.00 10.82 ? 72   ARG A CA  1 
ATOM   588 C C   . ARG A 1 72 ? -1.178  -8.981  -0.066  1.00 9.64  ? 72   ARG A C   1 
ATOM   589 O O   . ARG A 1 72 ? -1.458  -9.297  1.097   1.00 10.99 ? 72   ARG A O   1 
ATOM   590 C CB  . ARG A 1 72 ? -2.368  -10.138 -1.943  1.00 15.98 ? 72   ARG A CB  1 
ATOM   591 C CG  . ARG A 1 72 ? -3.630  -10.252 -2.774  1.00 18.40 ? 72   ARG A CG  1 
ATOM   592 C CD  . ARG A 1 72 ? -3.758  -11.644 -3.369  1.00 22.85 ? 72   ARG A CD  1 
ATOM   593 N NE  . ARG A 1 72 ? -2.830  -11.859 -4.472  1.00 27.71 ? 72   ARG A NE  1 
ATOM   594 C CZ  . ARG A 1 72 ? -3.047  -11.439 -5.714  1.00 24.84 ? 72   ARG A CZ  1 
ATOM   595 N NH1 . ARG A 1 72 ? -4.166  -10.784 -6.013  1.00 27.69 ? 72   ARG A NH1 1 
ATOM   596 N NH2 . ARG A 1 72 ? -2.147  -11.678 -6.651  1.00 26.13 ? 72   ARG A NH2 1 
ATOM   597 N N   . LEU A 1 73 ? 0.066   -8.723  -0.458  1.00 8.78  ? 73   LEU A N   1 
ATOM   598 C CA  . LEU A 1 73 ? 1.174   -8.810  0.484   1.00 10.63 ? 73   LEU A CA  1 
ATOM   599 C C   . LEU A 1 73 ? 1.070   -7.688  1.517   1.00 9.29  ? 73   LEU A C   1 
ATOM   600 O O   . LEU A 1 73 ? 1.485   -7.856  2.665   1.00 10.57 ? 73   LEU A O   1 
ATOM   601 C CB  . LEU A 1 73 ? 2.508   -8.752  -0.262  1.00 11.44 ? 73   LEU A CB  1 
ATOM   602 C CG  . LEU A 1 73 ? 2.790   -9.982  -1.137  1.00 12.49 ? 73   LEU A CG  1 
ATOM   603 C CD1 . LEU A 1 73 ? 4.048   -9.762  -1.953  1.00 13.66 ? 73   LEU A CD1 1 
ATOM   604 C CD2 . LEU A 1 73 ? 2.927   -11.221 -0.257  1.00 17.12 ? 73   LEU A CD2 1 
ATOM   605 N N   . THR A 1 74 ? 0.505   -6.551  1.115   1.00 9.07  ? 74   THR A N   1 
ATOM   606 C CA  . THR A 1 74 ? 0.327   -5.425  2.027   1.00 8.88  ? 74   THR A CA  1 
ATOM   607 C C   . THR A 1 74 ? -0.687  -5.816  3.106   1.00 8.96  ? 74   THR A C   1 
ATOM   608 O O   . THR A 1 74 ? -0.461  -5.596  4.297   1.00 9.81  ? 74   THR A O   1 
ATOM   609 C CB  . THR A 1 74 ? -0.168  -4.166  1.274   1.00 7.82  ? 74   THR A CB  1 
ATOM   610 O OG1 . THR A 1 74 ? 0.853   -3.712  0.373   1.00 9.20  ? 74   THR A OG1 1 
ATOM   611 C CG2 . THR A 1 74 ? -0.486  -3.049  2.249   1.00 9.54  ? 74   THR A CG2 1 
ATOM   612 N N   . ASP A 1 75 ? -1.808  -6.399  2.692   1.00 9.24  ? 75   ASP A N   1 
ATOM   613 C CA  . ASP A 1 75 ? -2.818  -6.820  3.659   1.00 9.36  ? 75   ASP A CA  1 
ATOM   614 C C   . ASP A 1 75 ? -2.277  -7.883  4.599   1.00 9.96  ? 75   ASP A C   1 
ATOM   615 O O   . ASP A 1 75 ? -2.628  -7.913  5.779   1.00 12.18 ? 75   ASP A O   1 
ATOM   616 C CB  . ASP A 1 75 ? -4.053  -7.386  2.959   1.00 9.68  ? 75   ASP A CB  1 
ATOM   617 C CG  . ASP A 1 75 ? -4.970  -6.312  2.435   1.00 10.15 ? 75   ASP A CG  1 
ATOM   618 O OD1 . ASP A 1 75 ? -4.966  -5.194  2.989   1.00 14.49 ? 75   ASP A OD1 1 
ATOM   619 O OD2 . ASP A 1 75 ? -5.716  -6.594  1.477   1.00 11.89 ? 75   ASP A OD2 1 
ATOM   620 N N   . ALA A 1 76 ? -1.436  -8.760  4.067   1.00 11.21 ? 76   ALA A N   1 
ATOM   621 C CA  . ALA A 1 76 ? -0.863  -9.831  4.868   1.00 11.39 ? 76   ALA A CA  1 
ATOM   622 C C   . ALA A 1 76 ? -0.069  -9.286  6.054   1.00 13.70 ? 76   ALA A C   1 
ATOM   623 O O   . ALA A 1 76 ? 0.031   -9.941  7.094   1.00 14.96 ? 76   ALA A O   1 
ATOM   624 C CB  . ALA A 1 76 ? 0.023   -10.707 3.998   1.00 15.05 ? 76   ALA A CB  1 
ATOM   625 N N   . LEU A 1 77 ? 0.488   -8.088  5.902   1.00 12.64 ? 77   LEU A N   1 
ATOM   626 C CA  . LEU A 1 77 ? 1.267   -7.458  6.968   1.00 15.68 ? 77   LEU A CA  1 
ATOM   627 C C   . LEU A 1 77 ? 0.435   -7.257  8.228   1.00 18.15 ? 77   LEU A C   1 
ATOM   628 O O   . LEU A 1 77 ? 0.972   -7.190  9.333   1.00 20.98 ? 77   LEU A O   1 
ATOM   629 C CB  . LEU A 1 77 ? 1.794   -6.096  6.509   1.00 12.97 ? 77   LEU A CB  1 
ATOM   630 C CG  . LEU A 1 77 ? 2.745   -6.048  5.312   1.00 13.22 ? 77   LEU A CG  1 
ATOM   631 C CD1 . LEU A 1 77 ? 2.995   -4.594  4.921   1.00 14.79 ? 77   LEU A CD1 1 
ATOM   632 C CD2 . LEU A 1 77 ? 4.052   -6.740  5.664   1.00 16.13 ? 77   LEU A CD2 1 
ATOM   633 N N   . LEU A 1 78 ? -0.878  -7.150  8.059   1.00 17.15 ? 78   LEU A N   1 
ATOM   634 C CA  . LEU A 1 78 ? -1.781  -6.940  9.184   1.00 18.98 ? 78   LEU A CA  1 
ATOM   635 C C   . LEU A 1 78 ? -2.017  -8.217  9.981   1.00 23.68 ? 78   LEU A C   1 
ATOM   636 O O   . LEU A 1 78 ? -2.378  -8.160  11.157  1.00 25.09 ? 78   LEU A O   1 
ATOM   637 C CB  . LEU A 1 78 ? -3.129  -6.409  8.686   1.00 20.15 ? 78   LEU A CB  1 
ATOM   638 C CG  . LEU A 1 78 ? -3.131  -5.111  7.875   1.00 24.00 ? 78   LEU A CG  1 
ATOM   639 C CD1 . LEU A 1 78 ? -4.539  -4.838  7.361   1.00 26.22 ? 78   LEU A CD1 1 
ATOM   640 C CD2 . LEU A 1 78 ? -2.638  -3.957  8.733   1.00 26.76 ? 78   LEU A CD2 1 
ATOM   641 N N   . GLN A 1 79 ? -1.804  -9.363  9.340   1.00 25.78 ? 79   GLN A N   1 
ATOM   642 C CA  . GLN A 1 79 ? -2.026  -10.658 9.977   1.00 34.77 ? 79   GLN A CA  1 
ATOM   643 C C   . GLN A 1 79 ? -3.315  -10.635 10.790  1.00 34.65 ? 79   GLN A C   1 
ATOM   644 O O   . GLN A 1 79 ? -3.307  -10.806 12.010  1.00 34.19 ? 79   GLN A O   1 
ATOM   645 C CB  . GLN A 1 79 ? -0.845  -11.047 10.872  1.00 40.48 ? 79   GLN A CB  1 
ATOM   646 C CG  . GLN A 1 79 ? 0.354   -11.582 10.099  1.00 48.02 ? 79   GLN A CG  1 
ATOM   647 C CD  . GLN A 1 79 ? 1.321   -10.495 9.682   1.00 51.44 ? 79   GLN A CD  1 
ATOM   648 O OE1 . GLN A 1 79 ? 2.171   -10.700 8.815   1.00 53.40 ? 79   GLN A OE1 1 
ATOM   649 N NE2 . GLN A 1 79 ? 1.210   -9.335  10.313  1.00 56.42 ? 79   GLN A NE2 1 
ATOM   650 N N   . ARG A 1 80 ? -4.420  -10.412 10.089  1.00 34.39 ? 80   ARG A N   1 
ATOM   651 C CA  . ARG A 1 80 ? -5.744  -10.353 10.694  1.00 33.15 ? 80   ARG A CA  1 
ATOM   652 C C   . ARG A 1 80 ? -6.225  -11.747 11.079  1.00 33.21 ? 80   ARG A C   1 
ATOM   653 O O   . ARG A 1 80 ? -6.716  -11.905 12.216  1.00 32.65 ? 80   ARG A O   1 
ATOM   654 C CB  . ARG A 1 80 ? -6.728  -9.717  9.713   1.00 31.79 ? 80   ARG A CB  1 
ATOM   655 C CG  . ARG A 1 80 ? -6.391  -8.280  9.350   1.00 28.44 ? 80   ARG A CG  1 
ATOM   656 C CD  . ARG A 1 80 ? -7.135  -7.842  8.103   1.00 29.51 ? 80   ARG A CD  1 
ATOM   657 N NE  . ARG A 1 80 ? -6.687  -8.580  6.926   1.00 22.61 ? 80   ARG A NE  1 
ATOM   658 C CZ  . ARG A 1 80 ? -7.203  -8.438  5.709   1.00 22.15 ? 80   ARG A CZ  1 
ATOM   659 N NH1 . ARG A 1 80 ? -8.192  -7.581  5.503   1.00 27.52 ? 80   ARG A NH1 1 
ATOM   660 N NH2 . ARG A 1 80 ? -6.729  -9.154  4.700   1.00 22.08 ? 80   ARG A NH2 1 
ATOM   661 O OXT . ARG A 1 80 ? -6.114  -12.660 10.234  1.00 37.67 ? 80   ARG A OXT 1 
HETATM 662 O O   . HOH B 2 .  ? -10.545 7.821   -11.546 1.00 24.20 ? 2001 HOH A O   1 
HETATM 663 O O   . HOH B 2 .  ? -10.095 0.877   -1.246  1.00 18.77 ? 2002 HOH A O   1 
HETATM 664 O O   . HOH B 2 .  ? -13.776 -8.014  -1.172  1.00 37.45 ? 2003 HOH A O   1 
HETATM 665 O O   . HOH B 2 .  ? -8.375  -5.865  1.530   1.00 16.46 ? 2004 HOH A O   1 
HETATM 666 O O   . HOH B 2 .  ? -12.102 6.506   -9.072  1.00 43.90 ? 2005 HOH A O   1 
HETATM 667 O O   . HOH B 2 .  ? -5.419  9.590   -2.629  1.00 48.76 ? 2006 HOH A O   1 
HETATM 668 O O   . HOH B 2 .  ? -11.681 2.302   10.382  1.00 55.55 ? 2007 HOH A O   1 
HETATM 669 O O   . HOH B 2 .  ? -12.175 -1.771  -8.036  1.00 14.66 ? 2008 HOH A O   1 
HETATM 670 O O   . HOH B 2 .  ? -13.758 -0.791  -0.751  1.00 44.37 ? 2009 HOH A O   1 
HETATM 671 O O   . HOH B 2 .  ? -7.912  5.389   -16.887 1.00 52.22 ? 2010 HOH A O   1 
HETATM 672 O O   . HOH B 2 .  ? -12.892 3.206   -7.224  1.00 48.14 ? 2011 HOH A O   1 
HETATM 673 O O   . HOH B 2 .  ? -13.375 -0.058  -9.753  1.00 31.22 ? 2012 HOH A O   1 
HETATM 674 O O   . HOH B 2 .  ? -12.944 4.636   -10.735 1.00 35.78 ? 2013 HOH A O   1 
HETATM 675 O O   . HOH B 2 .  ? -11.915 -0.503  -12.326 1.00 43.42 ? 2014 HOH A O   1 
HETATM 676 O O   . HOH B 2 .  ? -7.211  -4.996  -9.649  1.00 17.42 ? 2015 HOH A O   1 
HETATM 677 O O   . HOH B 2 .  ? -6.860  -2.060  8.437   1.00 45.40 ? 2016 HOH A O   1 
HETATM 678 O O   . HOH B 2 .  ? -11.368 1.492   7.766   1.00 48.14 ? 2017 HOH A O   1 
HETATM 679 O O   . HOH B 2 .  ? -9.933  -0.184  10.550  1.00 46.49 ? 2018 HOH A O   1 
HETATM 680 O O   . HOH B 2 .  ? -4.291  -2.167  11.689  1.00 48.92 ? 2019 HOH A O   1 
HETATM 681 O O   . HOH B 2 .  ? -12.396 3.657   -4.578  1.00 39.79 ? 2020 HOH A O   1 
HETATM 682 O O   . HOH B 2 .  ? -8.513  8.486   -0.048  1.00 34.69 ? 2021 HOH A O   1 
HETATM 683 O O   . HOH B 2 .  ? -6.917  8.114   -4.261  1.00 43.91 ? 2022 HOH A O   1 
HETATM 684 O O   . HOH B 2 .  ? -3.926  5.736   -15.629 1.00 30.87 ? 2023 HOH A O   1 
HETATM 685 O O   . HOH B 2 .  ? -6.143  6.914   -11.518 1.00 36.50 ? 2024 HOH A O   1 
HETATM 686 O O   . HOH B 2 .  ? -0.877  -2.624  16.161  1.00 47.18 ? 2025 HOH A O   1 
HETATM 687 O O   . HOH B 2 .  ? 2.436   3.037   21.160  1.00 45.91 ? 2026 HOH A O   1 
HETATM 688 O O   . HOH B 2 .  ? -8.068  10.868  -8.445  1.00 39.25 ? 2027 HOH A O   1 
HETATM 689 O O   . HOH B 2 .  ? 9.472   -5.008  8.292   1.00 25.94 ? 2028 HOH A O   1 
HETATM 690 O O   . HOH B 2 .  ? -7.895  -3.686  6.370   1.00 31.71 ? 2029 HOH A O   1 
HETATM 691 O O   . HOH B 2 .  ? -9.421  3.427   6.296   1.00 36.32 ? 2030 HOH A O   1 
HETATM 692 O O   . HOH B 2 .  ? -8.666  -0.539  5.954   1.00 23.73 ? 2031 HOH A O   1 
HETATM 693 O O   . HOH B 2 .  ? -11.140 6.077   2.668   1.00 48.03 ? 2032 HOH A O   1 
HETATM 694 O O   . HOH B 2 .  ? -8.258  0.236   8.533   1.00 25.17 ? 2033 HOH A O   1 
HETATM 695 O O   . HOH B 2 .  ? -5.128  -0.019  13.528  1.00 40.66 ? 2034 HOH A O   1 
HETATM 696 O O   . HOH B 2 .  ? -5.060  -0.553  9.690   1.00 24.91 ? 2035 HOH A O   1 
HETATM 697 O O   . HOH B 2 .  ? -4.616  11.111  -5.554  1.00 45.22 ? 2036 HOH A O   1 
HETATM 698 O O   . HOH B 2 .  ? -0.674  14.038  -6.246  1.00 47.53 ? 2037 HOH A O   1 
HETATM 699 O O   . HOH B 2 .  ? -7.526  7.812   14.502  1.00 37.80 ? 2038 HOH A O   1 
HETATM 700 O O   . HOH B 2 .  ? -6.769  7.553   18.908  1.00 43.68 ? 2039 HOH A O   1 
HETATM 701 O O   . HOH B 2 .  ? -7.550  2.886   14.695  1.00 35.13 ? 2040 HOH A O   1 
HETATM 702 O O   . HOH B 2 .  ? -4.888  11.815  0.531   1.00 42.20 ? 2041 HOH A O   1 
HETATM 703 O O   . HOH B 2 .  ? 1.215   9.714   16.901  1.00 19.38 ? 2042 HOH A O   1 
HETATM 704 O O   . HOH B 2 .  ? 7.828   8.814   16.930  1.00 45.04 ? 2043 HOH A O   1 
HETATM 705 O O   . HOH B 2 .  ? 0.413   4.910   -20.508 1.00 40.95 ? 2044 HOH A O   1 
HETATM 706 O O   . HOH B 2 .  ? -4.000  -0.254  16.522  1.00 41.73 ? 2045 HOH A O   1 
HETATM 707 O O   . HOH B 2 .  ? 1.325   0.051   12.946  1.00 14.90 ? 2046 HOH A O   1 
HETATM 708 O O   . HOH B 2 .  ? -0.963  -0.682  14.349  1.00 32.17 ? 2047 HOH A O   1 
HETATM 709 O O   . HOH B 2 .  ? 0.357   3.526   19.543  1.00 50.60 ? 2048 HOH A O   1 
HETATM 710 O O   . HOH B 2 .  ? -2.179  5.647   -20.104 1.00 44.03 ? 2049 HOH A O   1 
HETATM 711 O O   . HOH B 2 .  ? -2.289  -6.148  -17.307 1.00 48.53 ? 2050 HOH A O   1 
HETATM 712 O O   . HOH B 2 .  ? 4.916   2.774   17.704  1.00 31.53 ? 2051 HOH A O   1 
HETATM 713 O O   . HOH B 2 .  ? 8.720   1.772   12.290  1.00 35.49 ? 2052 HOH A O   1 
HETATM 714 O O   . HOH B 2 .  ? 7.656   -0.725  11.354  1.00 23.23 ? 2053 HOH A O   1 
HETATM 715 O O   . HOH B 2 .  ? 3.075   0.043   15.143  1.00 20.44 ? 2054 HOH A O   1 
HETATM 716 O O   . HOH B 2 .  ? -6.466  -8.733  -2.205  1.00 47.76 ? 2055 HOH A O   1 
HETATM 717 O O   . HOH B 2 .  ? 3.025   -1.705  11.551  1.00 19.17 ? 2056 HOH A O   1 
HETATM 718 O O   . HOH B 2 .  ? 2.359   -14.583 -7.038  1.00 50.35 ? 2057 HOH A O   1 
HETATM 719 O O   . HOH B 2 .  ? -3.478  -12.486 6.867   1.00 40.94 ? 2058 HOH A O   1 
HETATM 720 O O   . HOH B 2 .  ? 9.922   -2.478  7.887   1.00 29.06 ? 2059 HOH A O   1 
HETATM 721 O O   . HOH B 2 .  ? 11.326  0.025   6.060   1.00 39.19 ? 2060 HOH A O   1 
HETATM 722 O O   . HOH B 2 .  ? 12.530  1.862   7.766   1.00 35.37 ? 2061 HOH A O   1 
HETATM 723 O O   . HOH B 2 .  ? -3.714  -4.383  13.060  1.00 49.87 ? 2062 HOH A O   1 
HETATM 724 O O   . HOH B 2 .  ? -6.525  -4.756  10.763  1.00 49.38 ? 2063 HOH A O   1 
HETATM 725 O O   . HOH B 2 .  ? 6.969   -6.255  8.213   1.00 22.65 ? 2064 HOH A O   1 
HETATM 726 O O   . HOH B 2 .  ? 5.763   -8.542  8.349   1.00 49.41 ? 2065 HOH A O   1 
HETATM 727 O O   . HOH B 2 .  ? 7.583   -5.747  5.437   1.00 16.60 ? 2066 HOH A O   1 
HETATM 728 O O   . HOH B 2 .  ? -9.123  -11.045 16.133  1.00 42.41 ? 2067 HOH A O   1 
HETATM 729 O O   . HOH B 2 .  ? -11.648 -6.195  3.895   1.00 35.43 ? 2068 HOH A O   1 
HETATM 730 O O   . HOH B 2 .  ? 13.082  -5.320  2.507   1.00 23.11 ? 2069 HOH A O   1 
HETATM 731 O O   . HOH B 2 .  ? 16.359  -1.376  1.460   1.00 37.80 ? 2070 HOH A O   1 
HETATM 732 O O   . HOH B 2 .  ? 12.438  -7.300  4.219   1.00 32.64 ? 2071 HOH A O   1 
HETATM 733 O O   . HOH B 2 .  ? 14.951  -7.320  -3.843  1.00 43.19 ? 2072 HOH A O   1 
HETATM 734 O O   . HOH B 2 .  ? 5.950   -10.148 2.479   1.00 32.79 ? 2073 HOH A O   1 
HETATM 735 O O   . HOH B 2 .  ? 10.740  -8.086  -8.490  1.00 40.81 ? 2074 HOH A O   1 
HETATM 736 O O   . HOH B 2 .  ? 10.448  -11.808 -3.043  1.00 32.78 ? 2075 HOH A O   1 
HETATM 737 O O   . HOH B 2 .  ? 8.026   -10.243 0.296   1.00 37.31 ? 2076 HOH A O   1 
HETATM 738 O O   . HOH B 2 .  ? 6.055   -13.364 -1.616  1.00 50.62 ? 2077 HOH A O   1 
HETATM 739 O O   . HOH B 2 .  ? 9.260   -11.517 -6.397  1.00 50.86 ? 2078 HOH A O   1 
HETATM 740 O O   . HOH B 2 .  ? 16.532  -8.186  -7.776  1.00 32.41 ? 2079 HOH A O   1 
HETATM 741 O O   . HOH B 2 .  ? 14.112  -1.342  -6.120  1.00 60.70 ? 2080 HOH A O   1 
HETATM 742 O O   . HOH B 2 .  ? 12.204  -9.294  -6.555  1.00 46.98 ? 2081 HOH A O   1 
HETATM 743 O O   . HOH B 2 .  ? 14.862  -10.193 -6.791  1.00 43.23 ? 2082 HOH A O   1 
HETATM 744 O O   . HOH B 2 .  ? 11.206  -1.350  -9.518  1.00 40.31 ? 2083 HOH A O   1 
HETATM 745 O O   . HOH B 2 .  ? 8.463   -1.597  -10.384 1.00 23.59 ? 2084 HOH A O   1 
HETATM 746 O O   . HOH B 2 .  ? 3.260   0.676   -7.439  1.00 15.09 ? 2085 HOH A O   1 
HETATM 747 O O   . HOH B 2 .  ? 10.399  0.578   -8.109  1.00 31.44 ? 2086 HOH A O   1 
HETATM 748 O O   . HOH B 2 .  ? 3.785   4.403   -7.685  1.00 32.09 ? 2087 HOH A O   1 
HETATM 749 O O   . HOH B 2 .  ? 7.932   0.759   -8.648  1.00 18.67 ? 2088 HOH A O   1 
HETATM 750 O O   . HOH B 2 .  ? 5.363   2.168   -9.206  1.00 33.10 ? 2089 HOH A O   1 
HETATM 751 O O   . HOH B 2 .  ? 7.385   3.556   -8.084  1.00 36.38 ? 2090 HOH A O   1 
HETATM 752 O O   . HOH B 2 .  ? 7.040   4.900   -5.699  1.00 12.54 ? 2091 HOH A O   1 
HETATM 753 O O   . HOH B 2 .  ? -0.853  12.006  -4.027  1.00 27.35 ? 2092 HOH A O   1 
HETATM 754 O O   . HOH B 2 .  ? -3.262  11.120  -8.371  1.00 42.08 ? 2093 HOH A O   1 
HETATM 755 O O   . HOH B 2 .  ? -0.785  11.441  -9.699  1.00 35.98 ? 2094 HOH A O   1 
HETATM 756 O O   . HOH B 2 .  ? -5.462  13.093  2.889   1.00 25.47 ? 2095 HOH A O   1 
HETATM 757 O O   . HOH B 2 .  ? -3.438  8.761   4.142   1.00 14.78 ? 2096 HOH A O   1 
HETATM 758 O O   . HOH B 2 .  ? -7.708  10.066  15.934  1.00 40.34 ? 2097 HOH A O   1 
HETATM 759 O O   . HOH B 2 .  ? -5.639  12.927  9.396   1.00 29.01 ? 2098 HOH A O   1 
HETATM 760 O O   . HOH B 2 .  ? -8.778  7.191   9.840   1.00 36.64 ? 2099 HOH A O   1 
HETATM 761 O O   . HOH B 2 .  ? -10.353 7.106   5.423   1.00 40.97 ? 2100 HOH A O   1 
HETATM 762 O O   . HOH B 2 .  ? -9.392  5.742   7.642   1.00 50.91 ? 2101 HOH A O   1 
HETATM 763 O O   . HOH B 2 .  ? -6.185  9.251   0.964   1.00 31.12 ? 2102 HOH A O   1 
HETATM 764 O O   . HOH B 2 .  ? -0.991  7.269   -1.278  1.00 9.10  ? 2103 HOH A O   1 
HETATM 765 O O   . HOH B 2 .  ? -3.005  10.164  -3.560  1.00 20.52 ? 2104 HOH A O   1 
HETATM 766 O O   . HOH B 2 .  ? 2.831   7.119   -13.460 1.00 28.33 ? 2105 HOH A O   1 
HETATM 767 O O   . HOH B 2 .  ? 5.828   1.459   -11.848 1.00 26.13 ? 2106 HOH A O   1 
HETATM 768 O O   . HOH B 2 .  ? 4.659   3.775   -11.266 1.00 64.45 ? 2107 HOH A O   1 
HETATM 769 O O   . HOH B 2 .  ? 2.202   5.723   -18.538 1.00 31.99 ? 2108 HOH A O   1 
HETATM 770 O O   . HOH B 2 .  ? 4.987   6.415   -11.975 1.00 63.68 ? 2109 HOH A O   1 
HETATM 771 O O   . HOH B 2 .  ? 0.961   2.425   -21.469 1.00 33.17 ? 2110 HOH A O   1 
HETATM 772 O O   . HOH B 2 .  ? 7.660   -0.986  -15.844 1.00 28.69 ? 2111 HOH A O   1 
HETATM 773 O O   . HOH B 2 .  ? 6.880   1.276   -14.900 1.00 23.05 ? 2112 HOH A O   1 
HETATM 774 O O   . HOH B 2 .  ? -3.394  -0.391  -17.942 1.00 42.82 ? 2113 HOH A O   1 
HETATM 775 O O   . HOH B 2 .  ? -5.528  2.190   -17.013 1.00 54.50 ? 2114 HOH A O   1 
HETATM 776 O O   . HOH B 2 .  ? -4.154  4.423   -18.617 1.00 52.02 ? 2115 HOH A O   1 
HETATM 777 O O   . HOH B 2 .  ? -5.322  -0.701  -15.306 1.00 30.47 ? 2116 HOH A O   1 
HETATM 778 O O   . HOH B 2 .  ? -2.646  -2.752  -16.917 1.00 37.99 ? 2117 HOH A O   1 
HETATM 779 O O   . HOH B 2 .  ? -0.326  -13.791 -10.565 1.00 30.65 ? 2118 HOH A O   1 
HETATM 780 O O   . HOH B 2 .  ? -1.355  -11.015 -8.769  1.00 19.33 ? 2119 HOH A O   1 
HETATM 781 O O   . HOH B 2 .  ? -4.192  -11.336 -14.510 1.00 20.42 ? 2120 HOH A O   1 
HETATM 782 O O   . HOH B 2 .  ? -4.743  -10.843 -8.990  1.00 17.44 ? 2121 HOH A O   1 
HETATM 783 O O   . HOH B 2 .  ? -4.221  -6.152  -15.353 1.00 37.15 ? 2122 HOH A O   1 
HETATM 784 O O   . HOH B 2 .  ? -4.821  -8.274  -4.868  1.00 33.03 ? 2123 HOH A O   1 
HETATM 785 O O   . HOH B 2 .  ? -7.760  -7.491  -14.907 1.00 54.84 ? 2124 HOH A O   1 
HETATM 786 O O   . HOH B 2 .  ? 2.701   -11.059 -9.405  1.00 30.10 ? 2125 HOH A O   1 
HETATM 787 O O   . HOH B 2 .  ? 4.040   -13.559 -3.507  1.00 37.23 ? 2126 HOH A O   1 
HETATM 788 O O   . HOH B 2 .  ? 1.569   -12.670 -3.858  1.00 48.21 ? 2127 HOH A O   1 
HETATM 789 O O   . HOH B 2 .  ? 6.901   -12.112 -5.187  1.00 41.13 ? 2128 HOH A O   1 
HETATM 790 O O   . HOH B 2 .  ? -3.561  -10.722 1.909   1.00 21.48 ? 2129 HOH A O   1 
HETATM 791 O O   . HOH B 2 .  ? 0.685   -12.814 -8.280  1.00 33.32 ? 2130 HOH A O   1 
HETATM 792 O O   . HOH B 2 .  ? -6.801  -9.973  -4.568  1.00 33.26 ? 2131 HOH A O   1 
HETATM 793 O O   . HOH B 2 .  ? 3.387   -9.781  3.500   1.00 19.78 ? 2132 HOH A O   1 
HETATM 794 O O   . HOH B 2 .  ? -4.082  -9.785  7.291   1.00 18.60 ? 2133 HOH A O   1 
HETATM 795 O O   . HOH B 2 .  ? -5.835  -8.955  0.421   1.00 20.01 ? 2134 HOH A O   1 
HETATM 796 O O   . HOH B 2 .  ? -0.649  -12.575 7.350   1.00 37.62 ? 2135 HOH A O   1 
HETATM 797 O O   . HOH B 2 .  ? 0.627   -6.918  12.215  1.00 34.02 ? 2136 HOH A O   1 
HETATM 798 O O   . HOH B 2 .  ? -4.470  -6.913  12.679  1.00 43.22 ? 2137 HOH A O   1 
HETATM 799 O O   . HOH B 2 .  ? -1.795  -6.267  13.015  1.00 44.55 ? 2138 HOH A O   1 
HETATM 800 O O   . HOH B 2 .  ? 3.517   -10.604 6.056   1.00 31.53 ? 2139 HOH A O   1 
HETATM 801 O O   . HOH B 2 .  ? 2.402   -12.983 6.217   1.00 43.47 ? 2140 HOH A O   1 
HETATM 802 O O   . HOH B 2 .  ? -9.733  -7.961  3.134   1.00 37.82 ? 2141 HOH A O   1 
HETATM 803 O O   . HOH B 2 .  ? -4.425  -10.836 4.435   1.00 23.60 ? 2142 HOH A O   1 
HETATM 804 O O   . HOH B 2 .  ? -8.818  -10.297 2.174   1.00 45.80 ? 2143 HOH A O   1 
HETATM 805 O O   . HOH B 2 .  ? -5.497  -15.683 9.683   1.00 43.69 ? 2144 HOH A O   1 
HETATM 806 O O   . HOH B 2 .  ? -7.734  -12.630 14.503  1.00 49.33 ? 2145 HOH A O   1 
HETATM 807 O O   . HOH B 2 .  ? -10.045 -5.978  7.225   1.00 45.81 ? 2146 HOH A O   1 
HETATM 808 O O   . HOH B 2 .  ? -8.112  -8.723  12.998  1.00 41.12 ? 2147 HOH A O   1 
# 
loop_
_pdbx_poly_seq_scheme.asym_id 
_pdbx_poly_seq_scheme.entity_id 
_pdbx_poly_seq_scheme.seq_id 
_pdbx_poly_seq_scheme.mon_id 
_pdbx_poly_seq_scheme.ndb_seq_num 
_pdbx_poly_seq_scheme.pdb_seq_num 
_pdbx_poly_seq_scheme.auth_seq_num 
_pdbx_poly_seq_scheme.pdb_mon_id 
_pdbx_poly_seq_scheme.auth_mon_id 
_pdbx_poly_seq_scheme.pdb_strand_id 
_pdbx_poly_seq_scheme.pdb_ins_code 
_pdbx_poly_seq_scheme.hetero 
A 1 1  MET 1  1  1  MET MET A . n 
A 1 2  ASP 2  2  2  ASP ASP A . n 
A 1 3  TRP 3  3  3  TRP TRP A . n 
A 1 4  GLU 4  4  4  GLU GLU A . n 
A 1 5  GLU 5  5  5  GLU GLU A . n 
A 1 6  ARG 6  6  6  ARG ARG A . n 
A 1 7  GLU 7  7  ?  ?   ?   A . n 
A 1 8  ASN 8  8  ?  ?   ?   A . n 
A 1 9  LEU 9  9  ?  ?   ?   A . n 
A 1 10 LYS 10 10 10 LYS LYS A . n 
A 1 11 ARG 11 11 11 ARG ARG A . n 
A 1 12 LEU 12 12 12 LEU LEU A . n 
A 1 13 VAL 13 13 13 VAL VAL A . n 
A 1 14 LYS 14 14 14 LYS LYS A . n 
A 1 15 THR 15 15 15 THR THR A . n 
A 1 16 PHE 16 16 16 PHE PHE A . n 
A 1 17 ALA 17 17 17 ALA ALA A . n 
A 1 18 PHE 18 18 18 PHE PHE A . n 
A 1 19 PRO 19 19 19 PRO PRO A . n 
A 1 20 ASN 20 20 20 ASN ASN A . n 
A 1 21 PHE 21 21 21 PHE PHE A . n 
A 1 22 ARG 22 22 22 ARG ARG A . n 
A 1 23 GLU 23 23 23 GLU GLU A . n 
A 1 24 ALA 24 24 24 ALA ALA A . n 
A 1 25 LEU 25 25 25 LEU LEU A . n 
A 1 26 ASP 26 26 26 ASP ASP A . n 
A 1 27 PHE 27 27 27 PHE PHE A . n 
A 1 28 ALA 28 28 28 ALA ALA A . n 
A 1 29 ASN 29 29 29 ASN ASN A . n 
A 1 30 ARG 30 30 30 ARG ARG A . n 
A 1 31 VAL 31 31 31 VAL VAL A . n 
A 1 32 GLY 32 32 32 GLY GLY A . n 
A 1 33 ALA 33 33 33 ALA ALA A . n 
A 1 34 LEU 34 34 34 LEU LEU A . n 
A 1 35 ALA 35 35 35 ALA ALA A . n 
A 1 36 GLU 36 36 36 GLU GLU A . n 
A 1 37 ARG 37 37 37 ARG ARG A . n 
A 1 38 GLU 38 38 38 GLU GLU A . n 
A 1 39 ASN 39 39 39 ASN ASN A . n 
A 1 40 HIS 40 40 40 HIS HIS A . n 
A 1 41 HIS 41 41 41 HIS HIS A . n 
A 1 42 PRO 42 42 42 PRO PRO A . n 
A 1 43 ARG 43 43 43 ARG ARG A . n 
A 1 44 LEU 44 44 44 LEU LEU A . n 
A 1 45 THR 45 45 45 THR THR A . n 
A 1 46 VAL 46 46 46 VAL VAL A . n 
A 1 47 GLU 47 47 47 GLU GLU A . n 
A 1 48 TRP 48 48 48 TRP TRP A . n 
A 1 49 GLY 49 49 49 GLY GLY A . n 
A 1 50 ARG 50 50 50 ARG ARG A . n 
A 1 51 VAL 51 51 51 VAL VAL A . n 
A 1 52 THR 52 52 52 THR THR A . n 
A 1 53 VAL 53 53 53 VAL VAL A . n 
A 1 54 GLU 54 54 54 GLU GLU A . n 
A 1 55 TRP 55 55 55 TRP TRP A . n 
A 1 56 TRP 56 56 56 TRP TRP A . n 
A 1 57 THR 57 57 57 THR THR A . n 
A 1 58 HIS 58 58 58 HIS HIS A . n 
A 1 59 SER 59 59 59 SER SER A . n 
A 1 60 ALA 60 60 60 ALA ALA A . n 
A 1 61 GLY 61 61 61 GLY GLY A . n 
A 1 62 GLY 62 62 62 GLY GLY A . n 
A 1 63 VAL 63 63 63 VAL VAL A . n 
A 1 64 THR 64 64 64 THR THR A . n 
A 1 65 GLU 65 65 65 GLU GLU A . n 
A 1 66 LYS 66 66 66 LYS LYS A . n 
A 1 67 ASP 67 67 67 ASP ASP A . n 
A 1 68 ARG 68 68 68 ARG ARG A . n 
A 1 69 GLU 69 69 69 GLU GLU A . n 
A 1 70 MET 70 70 70 MET MET A . n 
A 1 71 ALA 71 71 71 ALA ALA A . n 
A 1 72 ARG 72 72 72 ARG ARG A . n 
A 1 73 LEU 73 73 73 LEU LEU A . n 
A 1 74 THR 74 74 74 THR THR A . n 
A 1 75 ASP 75 75 75 ASP ASP A . n 
A 1 76 ALA 76 76 76 ALA ALA A . n 
A 1 77 LEU 77 77 77 LEU LEU A . n 
A 1 78 LEU 78 78 78 LEU LEU A . n 
A 1 79 GLN 79 79 79 GLN GLN A . n 
A 1 80 ARG 80 80 80 ARG ARG A . n 
# 
loop_
_pdbx_nonpoly_scheme.asym_id 
_pdbx_nonpoly_scheme.entity_id 
_pdbx_nonpoly_scheme.mon_id 
_pdbx_nonpoly_scheme.ndb_seq_num 
_pdbx_nonpoly_scheme.pdb_seq_num 
_pdbx_nonpoly_scheme.auth_seq_num 
_pdbx_nonpoly_scheme.pdb_mon_id 
_pdbx_nonpoly_scheme.auth_mon_id 
_pdbx_nonpoly_scheme.pdb_strand_id 
_pdbx_nonpoly_scheme.pdb_ins_code 
B 2 HOH 1   2001 2001 HOH HOH A . 
B 2 HOH 2   2002 2002 HOH HOH A . 
B 2 HOH 3   2003 2003 HOH HOH A . 
B 2 HOH 4   2004 2004 HOH HOH A . 
B 2 HOH 5   2005 2005 HOH HOH A . 
B 2 HOH 6   2006 2006 HOH HOH A . 
B 2 HOH 7   2007 2007 HOH HOH A . 
B 2 HOH 8   2008 2008 HOH HOH A . 
B 2 HOH 9   2009 2009 HOH HOH A . 
B 2 HOH 10  2010 2010 HOH HOH A . 
B 2 HOH 11  2011 2011 HOH HOH A . 
B 2 HOH 12  2012 2012 HOH HOH A . 
B 2 HOH 13  2013 2013 HOH HOH A . 
B 2 HOH 14  2014 2014 HOH HOH A . 
B 2 HOH 15  2015 2015 HOH HOH A . 
B 2 HOH 16  2016 2016 HOH HOH A . 
B 2 HOH 17  2017 2017 HOH HOH A . 
B 2 HOH 18  2018 2018 HOH HOH A . 
B 2 HOH 19  2019 2019 HOH HOH A . 
B 2 HOH 20  2020 2020 HOH HOH A . 
B 2 HOH 21  2021 2021 HOH HOH A . 
B 2 HOH 22  2022 2022 HOH HOH A . 
B 2 HOH 23  2023 2023 HOH HOH A . 
B 2 HOH 24  2024 2024 HOH HOH A . 
B 2 HOH 25  2025 2025 HOH HOH A . 
B 2 HOH 26  2026 2026 HOH HOH A . 
B 2 HOH 27  2027 2027 HOH HOH A . 
B 2 HOH 28  2028 2028 HOH HOH A . 
B 2 HOH 29  2029 2029 HOH HOH A . 
B 2 HOH 30  2030 2030 HOH HOH A . 
B 2 HOH 31  2031 2031 HOH HOH A . 
B 2 HOH 32  2032 2032 HOH HOH A . 
B 2 HOH 33  2033 2033 HOH HOH A . 
B 2 HOH 34  2034 2034 HOH HOH A . 
B 2 HOH 35  2035 2035 HOH HOH A . 
B 2 HOH 36  2036 2036 HOH HOH A . 
B 2 HOH 37  2037 2037 HOH HOH A . 
B 2 HOH 38  2038 2038 HOH HOH A . 
B 2 HOH 39  2039 2039 HOH HOH A . 
B 2 HOH 40  2040 2040 HOH HOH A . 
B 2 HOH 41  2041 2041 HOH HOH A . 
B 2 HOH 42  2042 2042 HOH HOH A . 
B 2 HOH 43  2043 2043 HOH HOH A . 
B 2 HOH 44  2044 2044 HOH HOH A . 
B 2 HOH 45  2045 2045 HOH HOH A . 
B 2 HOH 46  2046 2046 HOH HOH A . 
B 2 HOH 47  2047 2047 HOH HOH A . 
B 2 HOH 48  2048 2048 HOH HOH A . 
B 2 HOH 49  2049 2049 HOH HOH A . 
B 2 HOH 50  2050 2050 HOH HOH A . 
B 2 HOH 51  2051 2051 HOH HOH A . 
B 2 HOH 52  2052 2052 HOH HOH A . 
B 2 HOH 53  2053 2053 HOH HOH A . 
B 2 HOH 54  2054 2054 HOH HOH A . 
B 2 HOH 55  2055 2055 HOH HOH A . 
B 2 HOH 56  2056 2056 HOH HOH A . 
B 2 HOH 57  2057 2057 HOH HOH A . 
B 2 HOH 58  2058 2058 HOH HOH A . 
B 2 HOH 59  2059 2059 HOH HOH A . 
B 2 HOH 60  2060 2060 HOH HOH A . 
B 2 HOH 61  2061 2061 HOH HOH A . 
B 2 HOH 62  2062 2062 HOH HOH A . 
B 2 HOH 63  2063 2063 HOH HOH A . 
B 2 HOH 64  2064 2064 HOH HOH A . 
B 2 HOH 65  2065 2065 HOH HOH A . 
B 2 HOH 66  2066 2066 HOH HOH A . 
B 2 HOH 67  2067 2067 HOH HOH A . 
B 2 HOH 68  2068 2068 HOH HOH A . 
B 2 HOH 69  2069 2069 HOH HOH A . 
B 2 HOH 70  2070 2070 HOH HOH A . 
B 2 HOH 71  2071 2071 HOH HOH A . 
B 2 HOH 72  2072 2072 HOH HOH A . 
B 2 HOH 73  2073 2073 HOH HOH A . 
B 2 HOH 74  2074 2074 HOH HOH A . 
B 2 HOH 75  2075 2075 HOH HOH A . 
B 2 HOH 76  2076 2076 HOH HOH A . 
B 2 HOH 77  2077 2077 HOH HOH A . 
B 2 HOH 78  2078 2078 HOH HOH A . 
B 2 HOH 79  2079 2079 HOH HOH A . 
B 2 HOH 80  2080 2080 HOH HOH A . 
B 2 HOH 81  2081 2081 HOH HOH A . 
B 2 HOH 82  2082 2082 HOH HOH A . 
B 2 HOH 83  2083 2083 HOH HOH A . 
B 2 HOH 84  2084 2084 HOH HOH A . 
B 2 HOH 85  2085 2085 HOH HOH A . 
B 2 HOH 86  2086 2086 HOH HOH A . 
B 2 HOH 87  2087 2087 HOH HOH A . 
B 2 HOH 88  2088 2088 HOH HOH A . 
B 2 HOH 89  2089 2089 HOH HOH A . 
B 2 HOH 90  2090 2090 HOH HOH A . 
B 2 HOH 91  2091 2091 HOH HOH A . 
B 2 HOH 92  2092 2092 HOH HOH A . 
B 2 HOH 93  2093 2093 HOH HOH A . 
B 2 HOH 94  2094 2094 HOH HOH A . 
B 2 HOH 95  2095 2095 HOH HOH A . 
B 2 HOH 96  2096 2096 HOH HOH A . 
B 2 HOH 97  2097 2097 HOH HOH A . 
B 2 HOH 98  2098 2098 HOH HOH A . 
B 2 HOH 99  2099 2099 HOH HOH A . 
B 2 HOH 100 2100 2100 HOH HOH A . 
B 2 HOH 101 2101 2101 HOH HOH A . 
B 2 HOH 102 2102 2102 HOH HOH A . 
B 2 HOH 103 2103 2103 HOH HOH A . 
B 2 HOH 104 2104 2104 HOH HOH A . 
B 2 HOH 105 2105 2105 HOH HOH A . 
B 2 HOH 106 2106 2106 HOH HOH A . 
B 2 HOH 107 2107 2107 HOH HOH A . 
B 2 HOH 108 2108 2108 HOH HOH A . 
B 2 HOH 109 2109 2109 HOH HOH A . 
B 2 HOH 110 2110 2110 HOH HOH A . 
B 2 HOH 111 2111 2111 HOH HOH A . 
B 2 HOH 112 2112 2112 HOH HOH A . 
B 2 HOH 113 2113 2113 HOH HOH A . 
B 2 HOH 114 2114 2114 HOH HOH A . 
B 2 HOH 115 2115 2115 HOH HOH A . 
B 2 HOH 116 2116 2116 HOH HOH A . 
B 2 HOH 117 2117 2117 HOH HOH A . 
B 2 HOH 118 2118 2118 HOH HOH A . 
B 2 HOH 119 2119 2119 HOH HOH A . 
B 2 HOH 120 2120 2120 HOH HOH A . 
B 2 HOH 121 2121 2121 HOH HOH A . 
B 2 HOH 122 2122 2122 HOH HOH A . 
B 2 HOH 123 2123 2123 HOH HOH A . 
B 2 HOH 124 2124 2124 HOH HOH A . 
B 2 HOH 125 2125 2125 HOH HOH A . 
B 2 HOH 126 2126 2126 HOH HOH A . 
B 2 HOH 127 2127 2127 HOH HOH A . 
B 2 HOH 128 2128 2128 HOH HOH A . 
B 2 HOH 129 2129 2129 HOH HOH A . 
B 2 HOH 130 2130 2130 HOH HOH A . 
B 2 HOH 131 2131 2131 HOH HOH A . 
B 2 HOH 132 2132 2132 HOH HOH A . 
B 2 HOH 133 2133 2133 HOH HOH A . 
B 2 HOH 134 2134 2134 HOH HOH A . 
B 2 HOH 135 2135 2135 HOH HOH A . 
B 2 HOH 136 2136 2136 HOH HOH A . 
B 2 HOH 137 2137 2137 HOH HOH A . 
B 2 HOH 138 2138 2138 HOH HOH A . 
B 2 HOH 139 2139 2139 HOH HOH A . 
B 2 HOH 140 2140 2140 HOH HOH A . 
B 2 HOH 141 2141 2141 HOH HOH A . 
B 2 HOH 142 2142 2142 HOH HOH A . 
B 2 HOH 143 2143 2143 HOH HOH A . 
B 2 HOH 144 2144 2144 HOH HOH A . 
B 2 HOH 145 2145 2145 HOH HOH A . 
B 2 HOH 146 2146 2146 HOH HOH A . 
B 2 HOH 147 2147 2147 HOH HOH A . 
# 
_pdbx_struct_assembly.id                   1 
_pdbx_struct_assembly.details              author_and_software_defined_assembly 
_pdbx_struct_assembly.method_details       PQS 
_pdbx_struct_assembly.oligomeric_details   dimeric 
_pdbx_struct_assembly.oligomeric_count     2 
# 
_pdbx_struct_assembly_gen.assembly_id       1 
_pdbx_struct_assembly_gen.oper_expression   1,2 
_pdbx_struct_assembly_gen.asym_id_list      A,B 
# 
loop_
_pdbx_struct_oper_list.id 
_pdbx_struct_oper_list.type 
_pdbx_struct_oper_list.name 
_pdbx_struct_oper_list.symmetry_operation 
_pdbx_struct_oper_list.matrix[1][1] 
_pdbx_struct_oper_list.matrix[1][2] 
_pdbx_struct_oper_list.matrix[1][3] 
_pdbx_struct_oper_list.vector[1] 
_pdbx_struct_oper_list.matrix[2][1] 
_pdbx_struct_oper_list.matrix[2][2] 
_pdbx_struct_oper_list.matrix[2][3] 
_pdbx_struct_oper_list.vector[2] 
_pdbx_struct_oper_list.matrix[3][1] 
_pdbx_struct_oper_list.matrix[3][2] 
_pdbx_struct_oper_list.matrix[3][3] 
_pdbx_struct_oper_list.vector[3] 
1 'identity operation'         1_555 x,y,z     1.0000000000  0.0000000000  0.0000000000 0.0000000000 0.0000000000  1.0000000000  0.0000000000  0.0000000000  0.0000000000 0.0000000000  1.0000000000  0.0000000000 
2 'crystal symmetry operation' 2_565 -x,-y+1,z -0.1767403114 -0.5740250375 0.7995361897 7.2322803978 -0.5740250375 -0.5997560087 -0.5574836198 18.2432739047 0.7995361897 -0.5574836198 -0.2235036799 5.6508399949 
# 
loop_
_pdbx_audit_revision_history.ordinal 
_pdbx_audit_revision_history.data_content_type 
_pdbx_audit_revision_history.major_revision 
_pdbx_audit_revision_history.minor_revision 
_pdbx_audit_revision_history.revision_date 
1 'Structure model' 1 0 2003-11-27 
2 'Structure model' 1 1 2011-05-08 
3 'Structure model' 1 2 2011-07-13 
4 'Structure model' 1 3 2019-05-08 
5 'Structure model' 1 4 2023-12-13 
# 
_pdbx_audit_revision_details.ordinal             1 
_pdbx_audit_revision_details.revision_ordinal    1 
_pdbx_audit_revision_details.data_content_type   'Structure model' 
_pdbx_audit_revision_details.provider            repository 
_pdbx_audit_revision_details.type                'Initial release' 
_pdbx_audit_revision_details.description         ? 
_pdbx_audit_revision_details.details             ? 
# 
loop_
_pdbx_audit_revision_group.ordinal 
_pdbx_audit_revision_group.revision_ordinal 
_pdbx_audit_revision_group.data_content_type 
_pdbx_audit_revision_group.group 
1 2 'Structure model' 'Version format compliance' 
2 3 'Structure model' 'Version format compliance' 
3 4 'Structure model' 'Data collection'           
4 4 'Structure model' 'Experimental preparation'  
5 4 'Structure model' Other                       
6 5 'Structure model' 'Data collection'           
7 5 'Structure model' 'Database references'       
8 5 'Structure model' Other                       
9 5 'Structure model' 'Refinement description'    
# 
loop_
_pdbx_audit_revision_category.ordinal 
_pdbx_audit_revision_category.revision_ordinal 
_pdbx_audit_revision_category.data_content_type 
_pdbx_audit_revision_category.category 
1 4 'Structure model' exptl_crystal_grow            
2 4 'Structure model' pdbx_database_proc            
3 4 'Structure model' pdbx_database_status          
4 4 'Structure model' struct_biol                   
5 5 'Structure model' chem_comp_atom                
6 5 'Structure model' chem_comp_bond                
7 5 'Structure model' database_2                    
8 5 'Structure model' pdbx_database_status          
9 5 'Structure model' pdbx_initial_refinement_model 
# 
loop_
_pdbx_audit_revision_item.ordinal 
_pdbx_audit_revision_item.revision_ordinal 
_pdbx_audit_revision_item.data_content_type 
_pdbx_audit_revision_item.item 
1 4 'Structure model' '_exptl_crystal_grow.method'                  
2 4 'Structure model' '_pdbx_database_status.recvd_author_approval' 
3 5 'Structure model' '_database_2.pdbx_DOI'                        
4 5 'Structure model' '_database_2.pdbx_database_accession'         
5 5 'Structure model' '_pdbx_database_status.status_code_sf'        
# 
loop_
_software.name 
_software.classification 
_software.version 
_software.citation_id 
_software.pdbx_ordinal 
_software.date 
_software.type 
_software.location 
_software.language 
CNS      refinement       1.1 ? 1 ? ? ? ? 
HKL-2000 'data reduction' .   ? 2 ? ? ? ? 
HKL-2000 'data scaling'   .   ? 3 ? ? ? ? 
# 
_pdbx_entry_details.entry_id                 1USM 
_pdbx_entry_details.compound_details         ? 
_pdbx_entry_details.source_details           ? 
_pdbx_entry_details.nonpolymer_details       ? 
_pdbx_entry_details.sequence_details         'THE RESIDUE PROLINE AT POSITION 9 WAS MUTATED TO LEU' 
_pdbx_entry_details.has_ligand_of_interest   ? 
# 
_pdbx_validate_symm_contact.id                1 
_pdbx_validate_symm_contact.PDB_model_num     1 
_pdbx_validate_symm_contact.auth_atom_id_1    O 
_pdbx_validate_symm_contact.auth_asym_id_1    A 
_pdbx_validate_symm_contact.auth_comp_id_1    HOH 
_pdbx_validate_symm_contact.auth_seq_id_1     2010 
_pdbx_validate_symm_contact.PDB_ins_code_1    ? 
_pdbx_validate_symm_contact.label_alt_id_1    ? 
_pdbx_validate_symm_contact.site_symmetry_1   1_555 
_pdbx_validate_symm_contact.auth_atom_id_2    O 
_pdbx_validate_symm_contact.auth_asym_id_2    A 
_pdbx_validate_symm_contact.auth_comp_id_2    HOH 
_pdbx_validate_symm_contact.auth_seq_id_2     2010 
_pdbx_validate_symm_contact.PDB_ins_code_2    ? 
_pdbx_validate_symm_contact.label_alt_id_2    ? 
_pdbx_validate_symm_contact.site_symmetry_2   5_554 
_pdbx_validate_symm_contact.dist              1.76 
# 
loop_
_pdbx_unobs_or_zero_occ_residues.id 
_pdbx_unobs_or_zero_occ_residues.PDB_model_num 
_pdbx_unobs_or_zero_occ_residues.polymer_flag 
_pdbx_unobs_or_zero_occ_residues.occupancy_flag 
_pdbx_unobs_or_zero_occ_residues.auth_asym_id 
_pdbx_unobs_or_zero_occ_residues.auth_comp_id 
_pdbx_unobs_or_zero_occ_residues.auth_seq_id 
_pdbx_unobs_or_zero_occ_residues.PDB_ins_code 
_pdbx_unobs_or_zero_occ_residues.label_asym_id 
_pdbx_unobs_or_zero_occ_residues.label_comp_id 
_pdbx_unobs_or_zero_occ_residues.label_seq_id 
1 1 Y 1 A GLU 7 ? A GLU 7 
2 1 Y 1 A ASN 8 ? A ASN 8 
3 1 Y 1 A LEU 9 ? A LEU 9 
# 
loop_
_chem_comp_atom.comp_id 
_chem_comp_atom.atom_id 
_chem_comp_atom.type_symbol 
_chem_comp_atom.pdbx_aromatic_flag 
_chem_comp_atom.pdbx_stereo_config 
_chem_comp_atom.pdbx_ordinal 
ALA N    N N N 1   
ALA CA   C N S 2   
ALA C    C N N 3   
ALA O    O N N 4   
ALA CB   C N N 5   
ALA OXT  O N N 6   
ALA H    H N N 7   
ALA H2   H N N 8   
ALA HA   H N N 9   
ALA HB1  H N N 10  
ALA HB2  H N N 11  
ALA HB3  H N N 12  
ALA HXT  H N N 13  
ARG N    N N N 14  
ARG CA   C N S 15  
ARG C    C N N 16  
ARG O    O N N 17  
ARG CB   C N N 18  
ARG CG   C N N 19  
ARG CD   C N N 20  
ARG NE   N N N 21  
ARG CZ   C N N 22  
ARG NH1  N N N 23  
ARG NH2  N N N 24  
ARG OXT  O N N 25  
ARG H    H N N 26  
ARG H2   H N N 27  
ARG HA   H N N 28  
ARG HB2  H N N 29  
ARG HB3  H N N 30  
ARG HG2  H N N 31  
ARG HG3  H N N 32  
ARG HD2  H N N 33  
ARG HD3  H N N 34  
ARG HE   H N N 35  
ARG HH11 H N N 36  
ARG HH12 H N N 37  
ARG HH21 H N N 38  
ARG HH22 H N N 39  
ARG HXT  H N N 40  
ASN N    N N N 41  
ASN CA   C N S 42  
ASN C    C N N 43  
ASN O    O N N 44  
ASN CB   C N N 45  
ASN CG   C N N 46  
ASN OD1  O N N 47  
ASN ND2  N N N 48  
ASN OXT  O N N 49  
ASN H    H N N 50  
ASN H2   H N N 51  
ASN HA   H N N 52  
ASN HB2  H N N 53  
ASN HB3  H N N 54  
ASN HD21 H N N 55  
ASN HD22 H N N 56  
ASN HXT  H N N 57  
ASP N    N N N 58  
ASP CA   C N S 59  
ASP C    C N N 60  
ASP O    O N N 61  
ASP CB   C N N 62  
ASP CG   C N N 63  
ASP OD1  O N N 64  
ASP OD2  O N N 65  
ASP OXT  O N N 66  
ASP H    H N N 67  
ASP H2   H N N 68  
ASP HA   H N N 69  
ASP HB2  H N N 70  
ASP HB3  H N N 71  
ASP HD2  H N N 72  
ASP HXT  H N N 73  
GLN N    N N N 74  
GLN CA   C N S 75  
GLN C    C N N 76  
GLN O    O N N 77  
GLN CB   C N N 78  
GLN CG   C N N 79  
GLN CD   C N N 80  
GLN OE1  O N N 81  
GLN NE2  N N N 82  
GLN OXT  O N N 83  
GLN H    H N N 84  
GLN H2   H N N 85  
GLN HA   H N N 86  
GLN HB2  H N N 87  
GLN HB3  H N N 88  
GLN HG2  H N N 89  
GLN HG3  H N N 90  
GLN HE21 H N N 91  
GLN HE22 H N N 92  
GLN HXT  H N N 93  
GLU N    N N N 94  
GLU CA   C N S 95  
GLU C    C N N 96  
GLU O    O N N 97  
GLU CB   C N N 98  
GLU CG   C N N 99  
GLU CD   C N N 100 
GLU OE1  O N N 101 
GLU OE2  O N N 102 
GLU OXT  O N N 103 
GLU H    H N N 104 
GLU H2   H N N 105 
GLU HA   H N N 106 
GLU HB2  H N N 107 
GLU HB3  H N N 108 
GLU HG2  H N N 109 
GLU HG3  H N N 110 
GLU HE2  H N N 111 
GLU HXT  H N N 112 
GLY N    N N N 113 
GLY CA   C N N 114 
GLY C    C N N 115 
GLY O    O N N 116 
GLY OXT  O N N 117 
GLY H    H N N 118 
GLY H2   H N N 119 
GLY HA2  H N N 120 
GLY HA3  H N N 121 
GLY HXT  H N N 122 
HIS N    N N N 123 
HIS CA   C N S 124 
HIS C    C N N 125 
HIS O    O N N 126 
HIS CB   C N N 127 
HIS CG   C Y N 128 
HIS ND1  N Y N 129 
HIS CD2  C Y N 130 
HIS CE1  C Y N 131 
HIS NE2  N Y N 132 
HIS OXT  O N N 133 
HIS H    H N N 134 
HIS H2   H N N 135 
HIS HA   H N N 136 
HIS HB2  H N N 137 
HIS HB3  H N N 138 
HIS HD1  H N N 139 
HIS HD2  H N N 140 
HIS HE1  H N N 141 
HIS HE2  H N N 142 
HIS HXT  H N N 143 
HOH O    O N N 144 
HOH H1   H N N 145 
HOH H2   H N N 146 
LEU N    N N N 147 
LEU CA   C N S 148 
LEU C    C N N 149 
LEU O    O N N 150 
LEU CB   C N N 151 
LEU CG   C N N 152 
LEU CD1  C N N 153 
LEU CD2  C N N 154 
LEU OXT  O N N 155 
LEU H    H N N 156 
LEU H2   H N N 157 
LEU HA   H N N 158 
LEU HB2  H N N 159 
LEU HB3  H N N 160 
LEU HG   H N N 161 
LEU HD11 H N N 162 
LEU HD12 H N N 163 
LEU HD13 H N N 164 
LEU HD21 H N N 165 
LEU HD22 H N N 166 
LEU HD23 H N N 167 
LEU HXT  H N N 168 
LYS N    N N N 169 
LYS CA   C N S 170 
LYS C    C N N 171 
LYS O    O N N 172 
LYS CB   C N N 173 
LYS CG   C N N 174 
LYS CD   C N N 175 
LYS CE   C N N 176 
LYS NZ   N N N 177 
LYS OXT  O N N 178 
LYS H    H N N 179 
LYS H2   H N N 180 
LYS HA   H N N 181 
LYS HB2  H N N 182 
LYS HB3  H N N 183 
LYS HG2  H N N 184 
LYS HG3  H N N 185 
LYS HD2  H N N 186 
LYS HD3  H N N 187 
LYS HE2  H N N 188 
LYS HE3  H N N 189 
LYS HZ1  H N N 190 
LYS HZ2  H N N 191 
LYS HZ3  H N N 192 
LYS HXT  H N N 193 
MET N    N N N 194 
MET CA   C N S 195 
MET C    C N N 196 
MET O    O N N 197 
MET CB   C N N 198 
MET CG   C N N 199 
MET SD   S N N 200 
MET CE   C N N 201 
MET OXT  O N N 202 
MET H    H N N 203 
MET H2   H N N 204 
MET HA   H N N 205 
MET HB2  H N N 206 
MET HB3  H N N 207 
MET HG2  H N N 208 
MET HG3  H N N 209 
MET HE1  H N N 210 
MET HE2  H N N 211 
MET HE3  H N N 212 
MET HXT  H N N 213 
PHE N    N N N 214 
PHE CA   C N S 215 
PHE C    C N N 216 
PHE O    O N N 217 
PHE CB   C N N 218 
PHE CG   C Y N 219 
PHE CD1  C Y N 220 
PHE CD2  C Y N 221 
PHE CE1  C Y N 222 
PHE CE2  C Y N 223 
PHE CZ   C Y N 224 
PHE OXT  O N N 225 
PHE H    H N N 226 
PHE H2   H N N 227 
PHE HA   H N N 228 
PHE HB2  H N N 229 
PHE HB3  H N N 230 
PHE HD1  H N N 231 
PHE HD2  H N N 232 
PHE HE1  H N N 233 
PHE HE2  H N N 234 
PHE HZ   H N N 235 
PHE HXT  H N N 236 
PRO N    N N N 237 
PRO CA   C N S 238 
PRO C    C N N 239 
PRO O    O N N 240 
PRO CB   C N N 241 
PRO CG   C N N 242 
PRO CD   C N N 243 
PRO OXT  O N N 244 
PRO H    H N N 245 
PRO HA   H N N 246 
PRO HB2  H N N 247 
PRO HB3  H N N 248 
PRO HG2  H N N 249 
PRO HG3  H N N 250 
PRO HD2  H N N 251 
PRO HD3  H N N 252 
PRO HXT  H N N 253 
SER N    N N N 254 
SER CA   C N S 255 
SER C    C N N 256 
SER O    O N N 257 
SER CB   C N N 258 
SER OG   O N N 259 
SER OXT  O N N 260 
SER H    H N N 261 
SER H2   H N N 262 
SER HA   H N N 263 
SER HB2  H N N 264 
SER HB3  H N N 265 
SER HG   H N N 266 
SER HXT  H N N 267 
THR N    N N N 268 
THR CA   C N S 269 
THR C    C N N 270 
THR O    O N N 271 
THR CB   C N R 272 
THR OG1  O N N 273 
THR CG2  C N N 274 
THR OXT  O N N 275 
THR H    H N N 276 
THR H2   H N N 277 
THR HA   H N N 278 
THR HB   H N N 279 
THR HG1  H N N 280 
THR HG21 H N N 281 
THR HG22 H N N 282 
THR HG23 H N N 283 
THR HXT  H N N 284 
TRP N    N N N 285 
TRP CA   C N S 286 
TRP C    C N N 287 
TRP O    O N N 288 
TRP CB   C N N 289 
TRP CG   C Y N 290 
TRP CD1  C Y N 291 
TRP CD2  C Y N 292 
TRP NE1  N Y N 293 
TRP CE2  C Y N 294 
TRP CE3  C Y N 295 
TRP CZ2  C Y N 296 
TRP CZ3  C Y N 297 
TRP CH2  C Y N 298 
TRP OXT  O N N 299 
TRP H    H N N 300 
TRP H2   H N N 301 
TRP HA   H N N 302 
TRP HB2  H N N 303 
TRP HB3  H N N 304 
TRP HD1  H N N 305 
TRP HE1  H N N 306 
TRP HE3  H N N 307 
TRP HZ2  H N N 308 
TRP HZ3  H N N 309 
TRP HH2  H N N 310 
TRP HXT  H N N 311 
VAL N    N N N 312 
VAL CA   C N S 313 
VAL C    C N N 314 
VAL O    O N N 315 
VAL CB   C N N 316 
VAL CG1  C N N 317 
VAL CG2  C N N 318 
VAL OXT  O N N 319 
VAL H    H N N 320 
VAL H2   H N N 321 
VAL HA   H N N 322 
VAL HB   H N N 323 
VAL HG11 H N N 324 
VAL HG12 H N N 325 
VAL HG13 H N N 326 
VAL HG21 H N N 327 
VAL HG22 H N N 328 
VAL HG23 H N N 329 
VAL HXT  H N N 330 
# 
loop_
_chem_comp_bond.comp_id 
_chem_comp_bond.atom_id_1 
_chem_comp_bond.atom_id_2 
_chem_comp_bond.value_order 
_chem_comp_bond.pdbx_aromatic_flag 
_chem_comp_bond.pdbx_stereo_config 
_chem_comp_bond.pdbx_ordinal 
ALA N   CA   sing N N 1   
ALA N   H    sing N N 2   
ALA N   H2   sing N N 3   
ALA CA  C    sing N N 4   
ALA CA  CB   sing N N 5   
ALA CA  HA   sing N N 6   
ALA C   O    doub N N 7   
ALA C   OXT  sing N N 8   
ALA CB  HB1  sing N N 9   
ALA CB  HB2  sing N N 10  
ALA CB  HB3  sing N N 11  
ALA OXT HXT  sing N N 12  
ARG N   CA   sing N N 13  
ARG N   H    sing N N 14  
ARG N   H2   sing N N 15  
ARG CA  C    sing N N 16  
ARG CA  CB   sing N N 17  
ARG CA  HA   sing N N 18  
ARG C   O    doub N N 19  
ARG C   OXT  sing N N 20  
ARG CB  CG   sing N N 21  
ARG CB  HB2  sing N N 22  
ARG CB  HB3  sing N N 23  
ARG CG  CD   sing N N 24  
ARG CG  HG2  sing N N 25  
ARG CG  HG3  sing N N 26  
ARG CD  NE   sing N N 27  
ARG CD  HD2  sing N N 28  
ARG CD  HD3  sing N N 29  
ARG NE  CZ   sing N N 30  
ARG NE  HE   sing N N 31  
ARG CZ  NH1  sing N N 32  
ARG CZ  NH2  doub N N 33  
ARG NH1 HH11 sing N N 34  
ARG NH1 HH12 sing N N 35  
ARG NH2 HH21 sing N N 36  
ARG NH2 HH22 sing N N 37  
ARG OXT HXT  sing N N 38  
ASN N   CA   sing N N 39  
ASN N   H    sing N N 40  
ASN N   H2   sing N N 41  
ASN CA  C    sing N N 42  
ASN CA  CB   sing N N 43  
ASN CA  HA   sing N N 44  
ASN C   O    doub N N 45  
ASN C   OXT  sing N N 46  
ASN CB  CG   sing N N 47  
ASN CB  HB2  sing N N 48  
ASN CB  HB3  sing N N 49  
ASN CG  OD1  doub N N 50  
ASN CG  ND2  sing N N 51  
ASN ND2 HD21 sing N N 52  
ASN ND2 HD22 sing N N 53  
ASN OXT HXT  sing N N 54  
ASP N   CA   sing N N 55  
ASP N   H    sing N N 56  
ASP N   H2   sing N N 57  
ASP CA  C    sing N N 58  
ASP CA  CB   sing N N 59  
ASP CA  HA   sing N N 60  
ASP C   O    doub N N 61  
ASP C   OXT  sing N N 62  
ASP CB  CG   sing N N 63  
ASP CB  HB2  sing N N 64  
ASP CB  HB3  sing N N 65  
ASP CG  OD1  doub N N 66  
ASP CG  OD2  sing N N 67  
ASP OD2 HD2  sing N N 68  
ASP OXT HXT  sing N N 69  
GLN N   CA   sing N N 70  
GLN N   H    sing N N 71  
GLN N   H2   sing N N 72  
GLN CA  C    sing N N 73  
GLN CA  CB   sing N N 74  
GLN CA  HA   sing N N 75  
GLN C   O    doub N N 76  
GLN C   OXT  sing N N 77  
GLN CB  CG   sing N N 78  
GLN CB  HB2  sing N N 79  
GLN CB  HB3  sing N N 80  
GLN CG  CD   sing N N 81  
GLN CG  HG2  sing N N 82  
GLN CG  HG3  sing N N 83  
GLN CD  OE1  doub N N 84  
GLN CD  NE2  sing N N 85  
GLN NE2 HE21 sing N N 86  
GLN NE2 HE22 sing N N 87  
GLN OXT HXT  sing N N 88  
GLU N   CA   sing N N 89  
GLU N   H    sing N N 90  
GLU N   H2   sing N N 91  
GLU CA  C    sing N N 92  
GLU CA  CB   sing N N 93  
GLU CA  HA   sing N N 94  
GLU C   O    doub N N 95  
GLU C   OXT  sing N N 96  
GLU CB  CG   sing N N 97  
GLU CB  HB2  sing N N 98  
GLU CB  HB3  sing N N 99  
GLU CG  CD   sing N N 100 
GLU CG  HG2  sing N N 101 
GLU CG  HG3  sing N N 102 
GLU CD  OE1  doub N N 103 
GLU CD  OE2  sing N N 104 
GLU OE2 HE2  sing N N 105 
GLU OXT HXT  sing N N 106 
GLY N   CA   sing N N 107 
GLY N   H    sing N N 108 
GLY N   H2   sing N N 109 
GLY CA  C    sing N N 110 
GLY CA  HA2  sing N N 111 
GLY CA  HA3  sing N N 112 
GLY C   O    doub N N 113 
GLY C   OXT  sing N N 114 
GLY OXT HXT  sing N N 115 
HIS N   CA   sing N N 116 
HIS N   H    sing N N 117 
HIS N   H2   sing N N 118 
HIS CA  C    sing N N 119 
HIS CA  CB   sing N N 120 
HIS CA  HA   sing N N 121 
HIS C   O    doub N N 122 
HIS C   OXT  sing N N 123 
HIS CB  CG   sing N N 124 
HIS CB  HB2  sing N N 125 
HIS CB  HB3  sing N N 126 
HIS CG  ND1  sing Y N 127 
HIS CG  CD2  doub Y N 128 
HIS ND1 CE1  doub Y N 129 
HIS ND1 HD1  sing N N 130 
HIS CD2 NE2  sing Y N 131 
HIS CD2 HD2  sing N N 132 
HIS CE1 NE2  sing Y N 133 
HIS CE1 HE1  sing N N 134 
HIS NE2 HE2  sing N N 135 
HIS OXT HXT  sing N N 136 
HOH O   H1   sing N N 137 
HOH O   H2   sing N N 138 
LEU N   CA   sing N N 139 
LEU N   H    sing N N 140 
LEU N   H2   sing N N 141 
LEU CA  C    sing N N 142 
LEU CA  CB   sing N N 143 
LEU CA  HA   sing N N 144 
LEU C   O    doub N N 145 
LEU C   OXT  sing N N 146 
LEU CB  CG   sing N N 147 
LEU CB  HB2  sing N N 148 
LEU CB  HB3  sing N N 149 
LEU CG  CD1  sing N N 150 
LEU CG  CD2  sing N N 151 
LEU CG  HG   sing N N 152 
LEU CD1 HD11 sing N N 153 
LEU CD1 HD12 sing N N 154 
LEU CD1 HD13 sing N N 155 
LEU CD2 HD21 sing N N 156 
LEU CD2 HD22 sing N N 157 
LEU CD2 HD23 sing N N 158 
LEU OXT HXT  sing N N 159 
LYS N   CA   sing N N 160 
LYS N   H    sing N N 161 
LYS N   H2   sing N N 162 
LYS CA  C    sing N N 163 
LYS CA  CB   sing N N 164 
LYS CA  HA   sing N N 165 
LYS C   O    doub N N 166 
LYS C   OXT  sing N N 167 
LYS CB  CG   sing N N 168 
LYS CB  HB2  sing N N 169 
LYS CB  HB3  sing N N 170 
LYS CG  CD   sing N N 171 
LYS CG  HG2  sing N N 172 
LYS CG  HG3  sing N N 173 
LYS CD  CE   sing N N 174 
LYS CD  HD2  sing N N 175 
LYS CD  HD3  sing N N 176 
LYS CE  NZ   sing N N 177 
LYS CE  HE2  sing N N 178 
LYS CE  HE3  sing N N 179 
LYS NZ  HZ1  sing N N 180 
LYS NZ  HZ2  sing N N 181 
LYS NZ  HZ3  sing N N 182 
LYS OXT HXT  sing N N 183 
MET N   CA   sing N N 184 
MET N   H    sing N N 185 
MET N   H2   sing N N 186 
MET CA  C    sing N N 187 
MET CA  CB   sing N N 188 
MET CA  HA   sing N N 189 
MET C   O    doub N N 190 
MET C   OXT  sing N N 191 
MET CB  CG   sing N N 192 
MET CB  HB2  sing N N 193 
MET CB  HB3  sing N N 194 
MET CG  SD   sing N N 195 
MET CG  HG2  sing N N 196 
MET CG  HG3  sing N N 197 
MET SD  CE   sing N N 198 
MET CE  HE1  sing N N 199 
MET CE  HE2  sing N N 200 
MET CE  HE3  sing N N 201 
MET OXT HXT  sing N N 202 
PHE N   CA   sing N N 203 
PHE N   H    sing N N 204 
PHE N   H2   sing N N 205 
PHE CA  C    sing N N 206 
PHE CA  CB   sing N N 207 
PHE CA  HA   sing N N 208 
PHE C   O    doub N N 209 
PHE C   OXT  sing N N 210 
PHE CB  CG   sing N N 211 
PHE CB  HB2  sing N N 212 
PHE CB  HB3  sing N N 213 
PHE CG  CD1  doub Y N 214 
PHE CG  CD2  sing Y N 215 
PHE CD1 CE1  sing Y N 216 
PHE CD1 HD1  sing N N 217 
PHE CD2 CE2  doub Y N 218 
PHE CD2 HD2  sing N N 219 
PHE CE1 CZ   doub Y N 220 
PHE CE1 HE1  sing N N 221 
PHE CE2 CZ   sing Y N 222 
PHE CE2 HE2  sing N N 223 
PHE CZ  HZ   sing N N 224 
PHE OXT HXT  sing N N 225 
PRO N   CA   sing N N 226 
PRO N   CD   sing N N 227 
PRO N   H    sing N N 228 
PRO CA  C    sing N N 229 
PRO CA  CB   sing N N 230 
PRO CA  HA   sing N N 231 
PRO C   O    doub N N 232 
PRO C   OXT  sing N N 233 
PRO CB  CG   sing N N 234 
PRO CB  HB2  sing N N 235 
PRO CB  HB3  sing N N 236 
PRO CG  CD   sing N N 237 
PRO CG  HG2  sing N N 238 
PRO CG  HG3  sing N N 239 
PRO CD  HD2  sing N N 240 
PRO CD  HD3  sing N N 241 
PRO OXT HXT  sing N N 242 
SER N   CA   sing N N 243 
SER N   H    sing N N 244 
SER N   H2   sing N N 245 
SER CA  C    sing N N 246 
SER CA  CB   sing N N 247 
SER CA  HA   sing N N 248 
SER C   O    doub N N 249 
SER C   OXT  sing N N 250 
SER CB  OG   sing N N 251 
SER CB  HB2  sing N N 252 
SER CB  HB3  sing N N 253 
SER OG  HG   sing N N 254 
SER OXT HXT  sing N N 255 
THR N   CA   sing N N 256 
THR N   H    sing N N 257 
THR N   H2   sing N N 258 
THR CA  C    sing N N 259 
THR CA  CB   sing N N 260 
THR CA  HA   sing N N 261 
THR C   O    doub N N 262 
THR C   OXT  sing N N 263 
THR CB  OG1  sing N N 264 
THR CB  CG2  sing N N 265 
THR CB  HB   sing N N 266 
THR OG1 HG1  sing N N 267 
THR CG2 HG21 sing N N 268 
THR CG2 HG22 sing N N 269 
THR CG2 HG23 sing N N 270 
THR OXT HXT  sing N N 271 
TRP N   CA   sing N N 272 
TRP N   H    sing N N 273 
TRP N   H2   sing N N 274 
TRP CA  C    sing N N 275 
TRP CA  CB   sing N N 276 
TRP CA  HA   sing N N 277 
TRP C   O    doub N N 278 
TRP C   OXT  sing N N 279 
TRP CB  CG   sing N N 280 
TRP CB  HB2  sing N N 281 
TRP CB  HB3  sing N N 282 
TRP CG  CD1  doub Y N 283 
TRP CG  CD2  sing Y N 284 
TRP CD1 NE1  sing Y N 285 
TRP CD1 HD1  sing N N 286 
TRP CD2 CE2  doub Y N 287 
TRP CD2 CE3  sing Y N 288 
TRP NE1 CE2  sing Y N 289 
TRP NE1 HE1  sing N N 290 
TRP CE2 CZ2  sing Y N 291 
TRP CE3 CZ3  doub Y N 292 
TRP CE3 HE3  sing N N 293 
TRP CZ2 CH2  doub Y N 294 
TRP CZ2 HZ2  sing N N 295 
TRP CZ3 CH2  sing Y N 296 
TRP CZ3 HZ3  sing N N 297 
TRP CH2 HH2  sing N N 298 
TRP OXT HXT  sing N N 299 
VAL N   CA   sing N N 300 
VAL N   H    sing N N 301 
VAL N   H2   sing N N 302 
VAL CA  C    sing N N 303 
VAL CA  CB   sing N N 304 
VAL CA  HA   sing N N 305 
VAL C   O    doub N N 306 
VAL C   OXT  sing N N 307 
VAL CB  CG1  sing N N 308 
VAL CB  CG2  sing N N 309 
VAL CB  HB   sing N N 310 
VAL CG1 HG11 sing N N 311 
VAL CG1 HG12 sing N N 312 
VAL CG1 HG13 sing N N 313 
VAL CG2 HG21 sing N N 314 
VAL CG2 HG22 sing N N 315 
VAL CG2 HG23 sing N N 316 
VAL OXT HXT  sing N N 317 
# 
_pdbx_entity_nonpoly.entity_id   2 
_pdbx_entity_nonpoly.name        water 
_pdbx_entity_nonpoly.comp_id     HOH 
# 
_pdbx_initial_refinement_model.id               1 
_pdbx_initial_refinement_model.entity_id_list   ? 
_pdbx_initial_refinement_model.type             'experimental model' 
_pdbx_initial_refinement_model.source_name      PDB 
_pdbx_initial_refinement_model.accession_code   1DCO 
_pdbx_initial_refinement_model.details          'PDB ENTRY 1DCO' 
# 
